data_5HRT
#
_entry.id   5HRT
#
_cell.length_a   120.062
_cell.length_b   208.757
_cell.length_c   90.036
_cell.angle_alpha   90.00
_cell.angle_beta   90.00
_cell.angle_gamma   90.00
#
_symmetry.space_group_name_H-M   'C 2 2 21'
#
loop_
_entity.id
_entity.type
_entity.pdbx_description
1 polymer 'Ectonucleotide pyrophosphatase/phosphodiesterase family member 2'
2 polymer 'modified DNA (34-MER)'
3 branched alpha-D-mannopyranose-(1-2)-alpha-D-mannopyranose-(1-3)-alpha-D-mannopyranose-(1-6)-[alpha-D-mannopyranose-(1-3)]beta-D-mannopyranose-(1-4)-2-acetamido-2-deoxy-beta-D-glucopyranose-(1-4)-2-acetamido-2-deoxy-beta-D-glucopyranose
4 branched alpha-D-mannopyranose-(1-3)-beta-D-mannopyranose-(1-4)-2-acetamido-2-deoxy-beta-D-glucopyranose-(1-4)-2-acetamido-2-deoxy-beta-D-glucopyranose
5 non-polymer 'ZINC ION'
6 non-polymer 'CALCIUM ION'
7 non-polymer 'SODIUM ION'
8 non-polymer 'CHLORIDE ION'
9 non-polymer 'POTASSIUM ION'
10 non-polymer GLYCEROL
11 water water
#
loop_
_entity_poly.entity_id
_entity_poly.type
_entity_poly.pdbx_seq_one_letter_code
_entity_poly.pdbx_strand_id
1 'polypeptide(L)'
;AEWDEGPPTVLSDSPWTNTSGSCKGRCFELQEVGPPDCRCDNLCKSYSSCCHDFDELCLKTARGWECTKDRCGEVRNEEN
ACHCSEDCLSRGDCCTNYQVVCKGESHWVDDDCEEIRVPECPAGFVRPPLIIFSVDGFRASYMKKGSKVMPNIEKLRSCG
THAPYMRPVYPTKTFPNLYTLATGLYPESHGIVGNSMYDPVFDATFHLRGREKFNHRWWGGQPLWITATKQGVRAGTFFW
SVSIPHERRILTILQWLSLPDNERPSVYAFYSEQPDFSGHKYGPFGPEMTNPLREIDKTVGQLMDGLKQLKLHRCVNVIF
VGDHGMEDVTCDRTEFLSNYLTNVDDITLVPGTLGRIRPKIPNNLKYDPKAIIANLTCKKPDQHFKPYMKQHLPKRLHYA
NNRRIEDLHLLVERRWHVARKPLDVYKKPSGKCFFQGDHGFDNKVNSMQTVFVGYGPTFKYRTKVPPFENIELYNVMCDL
LGLKPAPNNGTHGSLNHLLRTNTFRPTLPEEVSRPNYPGIMYLQSDFDLGCTCDDKNKLEELNKRLHTKGSTEERHLLYG
RPAVLYRTSYDILYHTDFESGYSEIFLMPLWTSYTISKQAEVSSIPEHLTNCVRPDVRVSPGFSQNCLAYKNDKQMSYGF
LFPPYLSSSPEAKYDAFLVTNMVPMYPAFKRVWTYFQRVLVKKYASERNGVNVISGPIFDYNYNGLRDIEDEIKQYVEGS
SIPVPTHYYSIITSCLDFTQPADKCDGPLSVSSFILPHRPDNDESCNSSEDESKWVEELMKMHTARVRDIEHLTGLDFYR
KTSRSYSEILTLKTYLHTYESEISRENLYFQ
;
A
2 'polydeoxyribonucleotide'
;(DC)(DC)(DT)(DG)(DG)(DA)(OMC)(DG)(OMG)(DA)(DA)(DC)(DC)(A2M)(OMG)(DA)(DA)(DT)
(A2M)(OMC)(DT)(DT)(DT)(DT)(DG)(DG)(DT)(DC)(DT)(DC)(DC)(A2M)(OMG)(OMG)
;
B
#
# COMPACT_ATOMS: atom_id res chain seq x y z
N THR A 17 -0.14 -25.23 -33.38
CA THR A 17 -1.32 -25.75 -32.73
C THR A 17 -2.33 -26.38 -33.72
N ASN A 18 -2.73 -27.63 -33.44
CA ASN A 18 -3.67 -28.36 -34.28
C ASN A 18 -5.08 -28.05 -33.80
N THR A 19 -5.72 -27.06 -34.42
CA THR A 19 -7.06 -26.71 -33.98
C THR A 19 -8.11 -27.63 -34.56
N SER A 20 -7.69 -28.70 -35.21
CA SER A 20 -8.63 -29.66 -35.80
C SER A 20 -9.27 -30.57 -34.76
N GLY A 21 -8.72 -30.61 -33.55
CA GLY A 21 -9.34 -31.36 -32.48
C GLY A 21 -10.68 -30.76 -32.07
N SER A 22 -11.25 -31.34 -31.02
CA SER A 22 -12.58 -30.92 -30.59
C SER A 22 -12.62 -30.76 -29.08
N CYS A 23 -13.43 -29.80 -28.63
CA CYS A 23 -13.67 -29.54 -27.23
C CYS A 23 -14.78 -30.41 -26.64
N LYS A 24 -15.06 -31.55 -27.25
CA LYS A 24 -16.16 -32.40 -26.77
C LYS A 24 -15.76 -33.02 -25.44
N GLY A 25 -16.60 -32.82 -24.42
CA GLY A 25 -16.26 -33.31 -23.10
C GLY A 25 -15.09 -32.66 -22.42
N ARG A 26 -14.57 -31.54 -22.95
CA ARG A 26 -13.40 -30.88 -22.38
C ARG A 26 -13.59 -29.43 -22.03
N CYS A 27 -14.80 -28.88 -22.15
CA CYS A 27 -14.96 -27.44 -22.04
C CYS A 27 -14.46 -26.97 -20.66
N PHE A 28 -13.68 -25.90 -20.66
CA PHE A 28 -13.12 -25.34 -19.42
C PHE A 28 -12.41 -26.40 -18.57
N GLU A 29 -11.73 -27.34 -19.22
CA GLU A 29 -10.95 -28.34 -18.49
C GLU A 29 -9.78 -27.65 -17.80
N LEU A 30 -9.35 -28.21 -16.67
CA LEU A 30 -8.35 -27.58 -15.82
C LEU A 30 -6.92 -28.09 -16.08
N GLN A 31 -6.75 -29.16 -16.86
CA GLN A 31 -5.40 -29.66 -17.07
C GLN A 31 -4.63 -28.85 -18.11
N ASP A 37 -1.52 -30.08 -29.55
CA ASP A 37 -2.95 -30.24 -29.25
C ASP A 37 -3.64 -28.90 -28.95
N CYS A 38 -4.87 -28.73 -29.41
CA CYS A 38 -5.61 -27.49 -29.22
C CYS A 38 -6.29 -27.49 -27.84
N ARG A 39 -6.61 -26.28 -27.35
CA ARG A 39 -6.99 -26.07 -25.96
C ARG A 39 -8.48 -25.66 -25.81
N CYS A 40 -9.03 -25.92 -24.62
CA CYS A 40 -10.43 -25.67 -24.32
C CYS A 40 -10.60 -24.97 -22.98
N ASP A 41 -9.52 -24.45 -22.41
CA ASP A 41 -9.57 -23.64 -21.22
C ASP A 41 -9.98 -22.23 -21.58
N ASN A 42 -10.23 -21.45 -20.56
CA ASN A 42 -10.84 -20.15 -20.72
C ASN A 42 -9.82 -19.06 -21.01
N LEU A 43 -8.61 -19.42 -21.41
CA LEU A 43 -7.66 -18.46 -21.96
C LEU A 43 -7.23 -18.82 -23.37
N CYS A 44 -7.75 -19.90 -23.94
CA CYS A 44 -7.33 -20.29 -25.27
C CYS A 44 -7.60 -19.17 -26.26
N LYS A 45 -8.66 -18.40 -26.04
CA LYS A 45 -9.04 -17.38 -27.02
C LYS A 45 -8.00 -16.26 -27.05
N SER A 46 -7.48 -15.91 -25.88
CA SER A 46 -6.48 -14.86 -25.80
C SER A 46 -5.14 -15.28 -26.40
N TYR A 47 -4.88 -16.58 -26.48
CA TYR A 47 -3.69 -17.10 -27.15
C TYR A 47 -4.00 -17.61 -28.55
N SER A 48 -5.27 -17.56 -28.97
CA SER A 48 -5.69 -18.08 -30.27
C SER A 48 -5.32 -19.56 -30.42
N SER A 49 -5.68 -20.36 -29.43
CA SER A 49 -5.37 -21.79 -29.42
C SER A 49 -6.58 -22.69 -29.29
N CYS A 50 -7.78 -22.16 -29.45
CA CYS A 50 -8.96 -22.99 -29.20
C CYS A 50 -9.15 -24.02 -30.31
N CYS A 51 -9.72 -25.16 -29.93
CA CYS A 51 -10.24 -26.06 -30.93
C CYS A 51 -11.35 -25.36 -31.71
N HIS A 52 -11.56 -25.80 -32.96
CA HIS A 52 -12.41 -25.05 -33.86
C HIS A 52 -13.84 -24.91 -33.34
N ASP A 53 -14.30 -25.85 -32.53
CA ASP A 53 -15.67 -25.86 -32.04
C ASP A 53 -15.78 -25.31 -30.63
N PHE A 54 -14.76 -24.59 -30.17
CA PHE A 54 -14.83 -24.06 -28.81
C PHE A 54 -16.05 -23.17 -28.65
N ASP A 55 -16.23 -22.24 -29.59
CA ASP A 55 -17.37 -21.34 -29.53
C ASP A 55 -18.68 -22.09 -29.50
N GLU A 56 -18.83 -23.07 -30.39
CA GLU A 56 -20.09 -23.79 -30.56
C GLU A 56 -20.42 -24.68 -29.35
N LEU A 57 -19.42 -25.28 -28.71
CA LEU A 57 -19.64 -26.24 -27.63
C LEU A 57 -19.52 -25.65 -26.23
N CYS A 58 -18.61 -24.69 -26.02
CA CYS A 58 -18.29 -24.14 -24.71
C CYS A 58 -18.92 -22.78 -24.43
N LEU A 59 -19.34 -22.05 -25.46
CA LEU A 59 -19.94 -20.75 -25.22
C LEU A 59 -21.38 -20.74 -25.73
N LYS A 60 -22.19 -21.68 -25.27
CA LYS A 60 -23.62 -21.69 -25.59
C LYS A 60 -24.31 -20.48 -25.00
N THR A 61 -25.34 -20.01 -25.70
CA THR A 61 -26.07 -18.83 -25.26
C THR A 61 -27.57 -18.96 -25.42
N ALA A 62 -28.06 -20.04 -26.01
CA ALA A 62 -29.47 -20.12 -26.39
C ALA A 62 -30.36 -20.04 -25.15
N ARG A 63 -31.44 -19.26 -25.24
CA ARG A 63 -32.44 -19.03 -24.19
C ARG A 63 -31.92 -18.26 -22.99
N GLY A 64 -30.73 -17.68 -23.06
CA GLY A 64 -30.33 -16.81 -21.97
C GLY A 64 -29.94 -17.57 -20.70
N TRP A 65 -29.92 -16.83 -19.58
CA TRP A 65 -29.30 -17.31 -18.37
C TRP A 65 -30.26 -17.56 -17.22
N GLU A 66 -31.59 -17.48 -17.45
CA GLU A 66 -32.59 -17.58 -16.40
C GLU A 66 -33.60 -18.66 -16.69
N CYS A 67 -33.87 -19.54 -15.72
CA CYS A 67 -35.04 -20.39 -15.88
C CYS A 67 -36.31 -19.53 -15.80
N THR A 68 -37.37 -20.03 -16.40
CA THR A 68 -38.69 -19.39 -16.36
C THR A 68 -39.70 -20.48 -16.00
N LYS A 69 -40.90 -20.07 -15.56
CA LYS A 69 -41.89 -21.07 -15.17
C LYS A 69 -42.18 -22.06 -16.29
N ASP A 70 -42.20 -21.58 -17.55
CA ASP A 70 -42.51 -22.50 -18.66
C ASP A 70 -41.35 -23.45 -19.00
N ARG A 71 -40.13 -23.14 -18.58
CA ARG A 71 -39.04 -24.11 -18.81
C ARG A 71 -38.94 -25.19 -17.75
N CYS A 72 -39.60 -25.03 -16.59
CA CYS A 72 -39.44 -25.98 -15.50
C CYS A 72 -39.79 -27.37 -15.96
N GLY A 73 -38.86 -28.30 -15.77
CA GLY A 73 -39.07 -29.67 -16.15
C GLY A 73 -38.97 -29.95 -17.63
N GLU A 74 -38.45 -29.00 -18.41
CA GLU A 74 -38.27 -29.18 -19.85
C GLU A 74 -37.47 -30.44 -20.14
N VAL A 75 -37.71 -31.04 -21.30
CA VAL A 75 -36.79 -32.06 -21.77
C VAL A 75 -35.45 -31.41 -22.10
N ARG A 76 -34.36 -31.96 -21.56
CA ARG A 76 -33.05 -31.34 -21.72
C ARG A 76 -32.70 -31.10 -23.20
N ASN A 77 -32.05 -29.97 -23.47
CA ASN A 77 -31.67 -29.59 -24.83
C ASN A 77 -30.25 -29.06 -24.81
N GLU A 78 -29.34 -29.83 -25.41
CA GLU A 78 -27.90 -29.52 -25.38
C GLU A 78 -27.55 -28.13 -25.91
N GLU A 79 -28.46 -27.48 -26.64
CA GLU A 79 -28.22 -26.13 -27.19
C GLU A 79 -28.31 -25.01 -26.15
N ASN A 80 -28.95 -25.25 -25.00
CA ASN A 80 -29.25 -24.16 -24.08
C ASN A 80 -28.03 -23.73 -23.30
N ALA A 81 -27.98 -22.45 -22.98
CA ALA A 81 -26.87 -21.95 -22.19
C ALA A 81 -26.82 -22.59 -20.80
N CYS A 82 -27.98 -22.87 -20.20
CA CYS A 82 -28.06 -23.57 -18.92
C CYS A 82 -29.42 -24.27 -18.88
N HIS A 83 -29.62 -25.14 -17.89
CA HIS A 83 -30.75 -26.06 -18.04
C HIS A 83 -31.75 -25.93 -16.91
N CYS A 84 -33.01 -26.27 -17.21
CA CYS A 84 -34.07 -26.33 -16.21
C CYS A 84 -34.77 -27.68 -16.23
N SER A 85 -34.13 -28.71 -16.77
CA SER A 85 -34.69 -30.04 -16.72
C SER A 85 -34.52 -30.65 -15.32
N GLU A 86 -35.26 -31.73 -15.09
CA GLU A 86 -35.22 -32.41 -13.79
C GLU A 86 -33.83 -32.94 -13.46
N ASP A 87 -33.01 -33.25 -14.45
CA ASP A 87 -31.71 -33.83 -14.14
C ASP A 87 -30.61 -32.80 -13.93
N CYS A 88 -30.90 -31.50 -14.07
CA CYS A 88 -29.81 -30.54 -14.12
C CYS A 88 -29.13 -30.47 -12.78
N LEU A 89 -29.87 -30.78 -11.71
CA LEU A 89 -29.26 -30.76 -10.39
C LEU A 89 -28.14 -31.79 -10.32
N SER A 90 -28.44 -33.06 -10.65
CA SER A 90 -27.37 -34.05 -10.58
C SER A 90 -26.24 -33.75 -11.57
N ARG A 91 -26.55 -33.19 -12.74
CA ARG A 91 -25.46 -32.90 -13.68
C ARG A 91 -24.80 -31.55 -13.41
N GLY A 92 -25.28 -30.81 -12.41
CA GLY A 92 -24.68 -29.56 -12.00
C GLY A 92 -24.67 -28.46 -13.04
N ASP A 93 -25.61 -28.43 -14.00
CA ASP A 93 -25.59 -27.33 -14.97
C ASP A 93 -26.93 -26.58 -15.05
N CYS A 94 -27.69 -26.56 -13.94
CA CYS A 94 -28.86 -25.69 -13.84
C CYS A 94 -28.50 -24.22 -14.04
N CYS A 95 -29.46 -23.47 -14.60
CA CYS A 95 -29.44 -22.01 -14.42
C CYS A 95 -29.35 -21.67 -12.92
N THR A 96 -28.71 -20.57 -12.58
CA THR A 96 -28.52 -20.30 -11.15
C THR A 96 -29.83 -20.04 -10.42
N ASN A 97 -30.94 -19.73 -11.13
CA ASN A 97 -32.21 -19.46 -10.45
C ASN A 97 -33.14 -20.67 -10.51
N TYR A 98 -32.63 -21.84 -10.89
CA TYR A 98 -33.52 -22.98 -11.16
C TYR A 98 -34.37 -23.34 -9.91
N GLN A 99 -33.72 -23.49 -8.75
CA GLN A 99 -34.44 -23.86 -7.54
C GLN A 99 -35.46 -22.82 -7.14
N VAL A 100 -35.16 -21.55 -7.38
CA VAL A 100 -36.10 -20.48 -7.01
C VAL A 100 -37.34 -20.54 -7.89
N VAL A 101 -37.15 -20.64 -9.21
CA VAL A 101 -38.31 -20.63 -10.11
C VAL A 101 -39.08 -21.94 -10.07
N CYS A 102 -38.38 -23.07 -9.95
CA CYS A 102 -39.00 -24.35 -10.18
C CYS A 102 -39.23 -25.17 -8.93
N LYS A 103 -38.52 -24.92 -7.84
CA LYS A 103 -38.72 -25.74 -6.66
C LYS A 103 -39.14 -24.94 -5.43
N GLY A 104 -39.58 -23.70 -5.58
CA GLY A 104 -40.13 -23.04 -4.43
C GLY A 104 -39.12 -22.45 -3.46
N GLU A 105 -37.84 -22.36 -3.80
CA GLU A 105 -36.83 -21.87 -2.87
C GLU A 105 -36.75 -20.35 -2.96
N SER A 106 -36.04 -19.73 -2.01
CA SER A 106 -35.92 -18.28 -2.03
C SER A 106 -34.55 -17.90 -2.60
N HIS A 107 -34.47 -16.69 -3.17
CA HIS A 107 -33.18 -16.10 -3.50
C HIS A 107 -32.33 -15.97 -2.23
N TRP A 108 -31.02 -16.17 -2.36
CA TRP A 108 -30.14 -15.97 -1.22
C TRP A 108 -30.33 -14.60 -0.59
N VAL A 109 -30.57 -13.56 -1.41
CA VAL A 109 -30.67 -12.20 -0.83
C VAL A 109 -31.94 -11.98 0.03
N ASP A 110 -32.97 -12.82 -0.14
CA ASP A 110 -34.20 -12.72 0.64
C ASP A 110 -34.15 -13.51 1.96
N ASP A 111 -33.06 -14.22 2.22
CA ASP A 111 -32.97 -15.01 3.45
C ASP A 111 -32.38 -14.15 4.57
N ASP A 112 -32.64 -14.52 5.80
CA ASP A 112 -32.10 -13.82 6.95
C ASP A 112 -30.58 -14.01 7.00
N CYS A 113 -29.86 -13.01 7.55
CA CYS A 113 -28.48 -13.23 7.98
C CYS A 113 -28.44 -14.22 9.12
N GLU A 114 -27.62 -15.25 8.99
CA GLU A 114 -27.46 -16.20 10.08
C GLU A 114 -25.97 -16.44 10.26
N GLU A 115 -25.46 -16.20 11.48
CA GLU A 115 -24.04 -16.43 11.75
C GLU A 115 -23.61 -17.83 11.30
N ILE A 116 -22.42 -17.92 10.72
CA ILE A 116 -21.83 -19.18 10.28
C ILE A 116 -20.68 -19.49 11.25
N ARG A 117 -20.93 -20.31 12.30
CA ARG A 117 -19.90 -20.54 13.33
C ARG A 117 -18.83 -21.59 12.93
N VAL A 118 -19.18 -22.58 12.11
CA VAL A 118 -18.25 -23.51 11.50
C VAL A 118 -18.67 -23.71 10.05
N PRO A 119 -17.75 -24.10 9.17
CA PRO A 119 -18.12 -24.38 7.77
C PRO A 119 -19.16 -25.51 7.69
N GLU A 120 -20.20 -25.33 6.89
CA GLU A 120 -21.19 -26.41 6.72
C GLU A 120 -21.00 -26.87 5.27
N CYS A 121 -20.13 -27.87 5.07
CA CYS A 121 -19.68 -28.33 3.77
C CYS A 121 -20.10 -29.78 3.54
N PRO A 122 -20.57 -30.12 2.33
CA PRO A 122 -20.80 -31.53 1.97
C PRO A 122 -19.63 -32.45 2.31
N ALA A 123 -19.90 -33.73 2.53
CA ALA A 123 -18.82 -34.70 2.76
C ALA A 123 -17.91 -34.71 1.53
N GLY A 124 -16.61 -34.88 1.77
CA GLY A 124 -15.61 -34.81 0.72
C GLY A 124 -14.95 -33.45 0.51
N PHE A 125 -15.59 -32.33 0.89
CA PHE A 125 -14.85 -31.06 0.93
C PHE A 125 -13.82 -31.09 2.06
N VAL A 126 -12.51 -30.92 1.75
CA VAL A 126 -11.50 -31.00 2.80
C VAL A 126 -11.25 -29.65 3.43
N ARG A 127 -11.76 -28.58 2.85
CA ARG A 127 -11.52 -27.26 3.39
C ARG A 127 -12.55 -26.34 2.76
N PRO A 128 -12.92 -25.24 3.41
CA PRO A 128 -13.80 -24.26 2.74
C PRO A 128 -13.16 -23.65 1.51
N PRO A 129 -13.84 -23.72 0.35
CA PRO A 129 -13.31 -23.04 -0.85
C PRO A 129 -13.29 -21.53 -0.64
N LEU A 130 -12.45 -20.87 -1.41
CA LEU A 130 -12.35 -19.41 -1.45
C LEU A 130 -12.70 -18.95 -2.85
N ILE A 131 -13.60 -17.98 -2.93
CA ILE A 131 -13.89 -17.34 -4.20
C ILE A 131 -13.57 -15.86 -4.07
N ILE A 132 -12.68 -15.37 -4.92
CA ILE A 132 -12.32 -13.95 -4.92
C ILE A 132 -13.15 -13.27 -6.00
N PHE A 133 -13.95 -12.24 -5.65
CA PHE A 133 -14.81 -11.57 -6.61
C PHE A 133 -14.24 -10.16 -6.75
N SER A 134 -13.49 -9.90 -7.83
CA SER A 134 -12.84 -8.60 -7.88
C SER A 134 -13.54 -7.69 -8.88
N VAL A 135 -13.71 -6.41 -8.53
CA VAL A 135 -14.39 -5.47 -9.42
C VAL A 135 -13.40 -4.34 -9.72
N ASP A 136 -13.50 -3.73 -10.89
CA ASP A 136 -12.51 -2.76 -11.31
C ASP A 136 -13.04 -1.34 -11.09
N GLY A 137 -12.31 -0.47 -10.40
CA GLY A 137 -12.81 0.90 -10.35
C GLY A 137 -13.99 1.13 -9.38
N PHE A 138 -14.11 0.27 -8.36
CA PHE A 138 -15.19 0.35 -7.37
C PHE A 138 -14.73 1.24 -6.21
N ARG A 139 -15.11 2.51 -6.26
CA ARG A 139 -14.71 3.46 -5.25
C ARG A 139 -15.38 3.10 -3.93
N ALA A 140 -14.67 3.33 -2.82
CA ALA A 140 -15.19 2.94 -1.51
C ALA A 140 -16.54 3.60 -1.23
N SER A 141 -16.68 4.87 -1.61
CA SER A 141 -17.90 5.57 -1.29
C SER A 141 -19.11 5.11 -2.10
N TYR A 142 -18.93 4.27 -3.14
CA TYR A 142 -20.10 3.68 -3.81
C TYR A 142 -20.94 2.83 -2.85
N MET A 143 -20.32 2.24 -1.80
CA MET A 143 -21.08 1.43 -0.85
C MET A 143 -22.18 2.25 -0.18
N LYS A 144 -22.07 3.57 -0.17
CA LYS A 144 -23.13 4.39 0.44
C LYS A 144 -24.46 4.29 -0.31
N LYS A 145 -24.48 3.77 -1.52
CA LYS A 145 -25.76 3.60 -2.20
C LYS A 145 -26.61 2.48 -1.59
N GLY A 146 -25.99 1.49 -0.92
CA GLY A 146 -26.77 0.66 -0.02
C GLY A 146 -27.65 -0.34 -0.79
N SER A 147 -28.61 -0.93 -0.07
CA SER A 147 -29.38 -2.06 -0.61
C SER A 147 -30.39 -1.62 -1.65
N LYS A 148 -30.75 -0.34 -1.72
CA LYS A 148 -31.68 0.06 -2.78
C LYS A 148 -31.07 -0.15 -4.16
N VAL A 149 -29.75 -0.05 -4.27
CA VAL A 149 -29.05 -0.22 -5.53
C VAL A 149 -28.38 -1.58 -5.60
N MET A 150 -27.80 -2.07 -4.49
CA MET A 150 -26.95 -3.28 -4.54
C MET A 150 -27.33 -4.18 -3.37
N PRO A 151 -28.49 -4.84 -3.47
CA PRO A 151 -28.96 -5.57 -2.29
C PRO A 151 -28.11 -6.78 -1.98
N ASN A 152 -27.58 -7.50 -2.99
CA ASN A 152 -26.76 -8.68 -2.63
C ASN A 152 -25.44 -8.25 -1.99
N ILE A 153 -24.79 -7.26 -2.58
CA ILE A 153 -23.50 -6.79 -2.02
C ILE A 153 -23.71 -6.17 -0.65
N GLU A 154 -24.79 -5.40 -0.47
CA GLU A 154 -25.01 -4.79 0.83
C GLU A 154 -25.29 -5.83 1.92
N LYS A 155 -25.92 -6.98 1.59
CA LYS A 155 -26.07 -8.03 2.59
C LYS A 155 -24.73 -8.72 2.92
N LEU A 156 -23.93 -9.05 1.89
CA LEU A 156 -22.56 -9.54 2.15
C LEU A 156 -21.81 -8.57 3.08
N ARG A 157 -21.91 -7.28 2.81
CA ARG A 157 -21.14 -6.30 3.59
C ARG A 157 -21.63 -6.21 5.03
N SER A 158 -22.95 -6.22 5.23
CA SER A 158 -23.41 -6.01 6.58
C SER A 158 -23.43 -7.32 7.40
N CYS A 159 -23.56 -8.50 6.76
CA CYS A 159 -23.53 -9.77 7.50
C CYS A 159 -22.12 -10.32 7.72
N GLY A 160 -21.18 -9.98 6.86
CA GLY A 160 -19.82 -10.46 6.92
C GLY A 160 -18.95 -9.48 7.66
N THR A 161 -17.68 -9.43 7.23
CA THR A 161 -16.66 -8.55 7.79
C THR A 161 -16.33 -7.53 6.70
N HIS A 162 -16.29 -6.22 7.05
CA HIS A 162 -16.01 -5.22 6.04
C HIS A 162 -15.15 -4.13 6.66
N ALA A 163 -14.29 -3.49 5.79
CA ALA A 163 -13.56 -2.24 6.10
C ALA A 163 -14.29 -1.04 5.50
N PRO A 164 -14.30 0.12 6.14
CA PRO A 164 -14.86 1.30 5.45
C PRO A 164 -14.17 1.59 4.13
N TYR A 165 -12.88 1.22 3.99
CA TYR A 165 -12.23 1.30 2.68
C TYR A 165 -10.97 0.46 2.78
N MET A 166 -10.41 0.15 1.63
CA MET A 166 -9.12 -0.54 1.52
C MET A 166 -8.19 0.31 0.65
N ARG A 167 -6.97 0.47 1.09
CA ARG A 167 -6.05 1.36 0.38
C ARG A 167 -5.34 0.59 -0.75
N PRO A 168 -5.39 1.06 -2.00
CA PRO A 168 -4.65 0.39 -3.10
C PRO A 168 -3.16 0.73 -3.04
N VAL A 169 -2.36 0.13 -3.94
CA VAL A 169 -0.96 0.57 -4.07
C VAL A 169 -0.87 1.63 -5.18
N TYR A 170 0.23 2.36 -5.14
CA TYR A 170 0.50 3.36 -6.19
C TYR A 170 1.31 2.68 -7.32
N PRO A 171 1.04 3.04 -8.58
CA PRO A 171 0.01 3.92 -9.12
C PRO A 171 -1.35 3.26 -9.03
N THR A 172 -2.41 4.05 -8.85
CA THR A 172 -3.72 3.45 -8.58
C THR A 172 -4.39 3.07 -9.90
N LYS A 173 -3.70 2.19 -10.63
CA LYS A 173 -4.10 1.63 -11.93
C LYS A 173 -4.37 0.13 -11.75
N THR A 174 -4.92 -0.49 -12.79
CA THR A 174 -5.51 -1.81 -12.66
C THR A 174 -4.46 -2.93 -12.53
N PHE A 175 -3.56 -3.08 -13.51
CA PHE A 175 -2.63 -4.21 -13.44
C PHE A 175 -1.71 -4.17 -12.22
N PRO A 176 -1.14 -3.03 -11.82
CA PRO A 176 -0.32 -3.09 -10.59
C PRO A 176 -1.15 -3.55 -9.40
N ASN A 177 -2.42 -3.13 -9.27
CA ASN A 177 -3.16 -3.49 -8.08
C ASN A 177 -3.64 -4.94 -8.12
N LEU A 178 -4.11 -5.41 -9.26
CA LEU A 178 -4.56 -6.80 -9.31
C LEU A 178 -3.40 -7.74 -9.01
N TYR A 179 -2.21 -7.44 -9.57
CA TYR A 179 -1.09 -8.33 -9.29
C TYR A 179 -0.58 -8.13 -7.86
N THR A 180 -0.71 -6.93 -7.28
CA THR A 180 -0.44 -6.85 -5.83
C THR A 180 -1.41 -7.71 -5.03
N LEU A 181 -2.70 -7.73 -5.40
CA LEU A 181 -3.65 -8.57 -4.68
C LEU A 181 -3.20 -10.01 -4.70
N ALA A 182 -2.66 -10.47 -5.84
CA ALA A 182 -2.33 -11.89 -6.01
C ALA A 182 -1.02 -12.31 -5.33
N THR A 183 -0.15 -11.35 -4.96
CA THR A 183 1.24 -11.64 -4.54
C THR A 183 1.60 -11.09 -3.17
N GLY A 184 0.84 -10.12 -2.66
CA GLY A 184 1.24 -9.42 -1.44
C GLY A 184 2.45 -8.49 -1.60
N LEU A 185 2.91 -8.23 -2.83
CA LEU A 185 4.09 -7.38 -3.02
C LEU A 185 3.74 -5.98 -3.53
N TYR A 186 4.60 -5.01 -3.17
CA TYR A 186 4.63 -3.71 -3.84
C TYR A 186 4.95 -3.91 -5.31
N PRO A 187 4.40 -3.06 -6.18
CA PRO A 187 4.75 -3.12 -7.62
C PRO A 187 6.25 -3.07 -7.89
N GLU A 188 7.06 -2.31 -7.13
CA GLU A 188 8.49 -2.28 -7.44
C GLU A 188 9.12 -3.67 -7.25
N SER A 189 8.51 -4.51 -6.39
CA SER A 189 8.99 -5.89 -6.21
C SER A 189 8.36 -6.90 -7.17
N HIS A 190 7.04 -6.85 -7.44
CA HIS A 190 6.48 -7.87 -8.35
C HIS A 190 6.71 -7.53 -9.82
N GLY A 191 7.03 -6.27 -10.12
CA GLY A 191 7.54 -5.88 -11.41
C GLY A 191 6.50 -5.31 -12.35
N ILE A 192 5.22 -5.34 -11.99
CA ILE A 192 4.16 -4.77 -12.85
C ILE A 192 3.92 -3.37 -12.31
N VAL A 193 4.82 -2.45 -12.71
CA VAL A 193 4.84 -1.10 -12.16
C VAL A 193 3.93 -0.15 -12.92
N GLY A 194 3.32 -0.59 -14.03
CA GLY A 194 2.31 0.25 -14.65
C GLY A 194 1.48 -0.61 -15.60
N ASN A 195 0.42 -0.02 -16.18
CA ASN A 195 -0.26 -0.76 -17.25
C ASN A 195 0.61 -0.82 -18.50
N SER A 196 1.52 0.12 -18.69
CA SER A 196 2.51 -0.07 -19.75
C SER A 196 3.89 0.26 -19.17
N MET A 197 4.93 -0.36 -19.72
CA MET A 197 6.27 -0.29 -19.14
C MET A 197 7.30 -0.51 -20.22
N TYR A 198 8.45 0.12 -20.05
CA TYR A 198 9.60 -0.19 -20.90
C TYR A 198 10.67 -0.80 -20.01
N ASP A 199 11.18 -1.96 -20.38
CA ASP A 199 12.24 -2.56 -19.60
C ASP A 199 13.52 -2.38 -20.40
N PRO A 200 14.51 -1.59 -19.91
CA PRO A 200 15.73 -1.35 -20.71
C PRO A 200 16.64 -2.55 -20.85
N VAL A 201 16.56 -3.53 -19.94
CA VAL A 201 17.36 -4.75 -20.10
C VAL A 201 16.76 -5.68 -21.14
N PHE A 202 15.45 -5.95 -21.09
CA PHE A 202 14.83 -6.71 -22.19
C PHE A 202 14.90 -5.94 -23.50
N ASP A 203 15.01 -4.62 -23.41
CA ASP A 203 14.70 -3.70 -24.50
C ASP A 203 13.34 -4.06 -25.14
N ALA A 204 12.30 -4.09 -24.31
CA ALA A 204 10.95 -4.42 -24.80
C ALA A 204 9.91 -3.62 -24.03
N THR A 205 8.71 -3.55 -24.61
CA THR A 205 7.64 -2.76 -24.04
C THR A 205 6.44 -3.64 -23.77
N PHE A 206 5.97 -3.56 -22.53
CA PHE A 206 4.78 -4.23 -22.06
C PHE A 206 3.59 -3.28 -22.25
N HIS A 207 2.52 -3.81 -22.84
CA HIS A 207 1.35 -3.02 -23.18
C HIS A 207 0.13 -3.89 -23.05
N LEU A 208 -1.00 -3.31 -22.61
CA LEU A 208 -2.25 -4.08 -22.58
C LEU A 208 -2.64 -4.61 -23.95
N ARG A 209 -2.33 -3.87 -25.03
CA ARG A 209 -2.48 -4.36 -26.39
C ARG A 209 -1.15 -4.98 -26.83
N GLY A 210 -1.18 -6.24 -27.19
CA GLY A 210 0.02 -6.92 -27.64
C GLY A 210 0.26 -8.21 -26.91
N ARG A 211 1.18 -9.00 -27.47
CA ARG A 211 1.51 -10.30 -26.93
C ARG A 211 2.66 -10.28 -25.93
N GLU A 212 3.38 -9.17 -25.77
CA GLU A 212 4.59 -9.22 -24.95
C GLU A 212 4.21 -9.44 -23.48
N LYS A 213 3.01 -9.01 -23.09
CA LYS A 213 2.57 -9.10 -21.72
C LYS A 213 2.31 -10.54 -21.30
N PHE A 214 2.22 -11.46 -22.27
CA PHE A 214 2.02 -12.87 -22.00
C PHE A 214 3.31 -13.58 -21.66
N ASN A 215 4.43 -12.91 -21.86
CA ASN A 215 5.74 -13.48 -21.54
C ASN A 215 5.96 -13.47 -20.03
N HIS A 216 6.31 -14.63 -19.48
CA HIS A 216 6.46 -14.81 -18.04
C HIS A 216 7.54 -13.94 -17.42
N ARG A 217 8.54 -13.50 -18.19
CA ARG A 217 9.60 -12.65 -17.63
C ARG A 217 9.08 -11.34 -17.01
N TRP A 218 7.89 -10.89 -17.34
CA TRP A 218 7.46 -9.63 -16.71
C TRP A 218 7.01 -9.84 -15.26
N TRP A 219 6.53 -11.04 -14.92
CA TRP A 219 5.65 -11.26 -13.76
C TRP A 219 6.47 -11.86 -12.63
N GLY A 220 6.81 -11.08 -11.60
CA GLY A 220 7.64 -11.58 -10.52
C GLY A 220 6.84 -12.07 -9.31
N GLY A 221 7.57 -12.31 -8.21
CA GLY A 221 6.88 -12.75 -7.00
C GLY A 221 6.33 -14.17 -7.17
N GLN A 222 5.42 -14.58 -6.29
CA GLN A 222 4.79 -15.90 -6.39
C GLN A 222 3.31 -15.70 -6.14
N PRO A 223 2.48 -15.68 -7.18
CA PRO A 223 1.06 -15.37 -6.96
C PRO A 223 0.33 -16.55 -6.32
N LEU A 224 -0.86 -16.23 -5.78
CA LEU A 224 -1.61 -17.18 -4.95
C LEU A 224 -1.86 -18.52 -5.66
N TRP A 225 -2.15 -18.52 -6.97
CA TRP A 225 -2.40 -19.84 -7.57
C TRP A 225 -1.17 -20.74 -7.53
N ILE A 226 0.02 -20.16 -7.56
CA ILE A 226 1.25 -20.95 -7.49
C ILE A 226 1.51 -21.40 -6.06
N THR A 227 1.38 -20.47 -5.09
CA THR A 227 1.48 -20.86 -3.69
C THR A 227 0.55 -22.03 -3.36
N ALA A 228 -0.70 -21.95 -3.86
CA ALA A 228 -1.67 -23.02 -3.66
C ALA A 228 -1.19 -24.36 -4.24
N THR A 229 -0.85 -24.38 -5.54
CA THR A 229 -0.39 -25.62 -6.18
C THR A 229 0.82 -26.21 -5.49
N LYS A 230 1.74 -25.36 -5.04
CA LYS A 230 2.93 -25.92 -4.41
C LYS A 230 2.60 -26.66 -3.11
N GLN A 231 1.48 -26.35 -2.51
CA GLN A 231 1.13 -26.90 -1.22
C GLN A 231 -0.10 -27.81 -1.29
N GLY A 232 -0.47 -28.25 -2.48
CA GLY A 232 -1.48 -29.28 -2.55
C GLY A 232 -2.91 -28.77 -2.65
N VAL A 233 -3.10 -27.46 -2.82
CA VAL A 233 -4.41 -26.83 -2.95
C VAL A 233 -4.63 -26.48 -4.42
N ARG A 234 -5.68 -27.04 -5.04
CA ARG A 234 -5.91 -26.87 -6.47
C ARG A 234 -6.58 -25.55 -6.77
N ALA A 235 -6.16 -24.87 -7.85
CA ALA A 235 -6.71 -23.56 -8.22
C ALA A 235 -7.50 -23.61 -9.53
N GLY A 236 -8.63 -22.89 -9.58
CA GLY A 236 -9.28 -22.55 -10.84
C GLY A 236 -8.55 -21.40 -11.53
N THR A 237 -9.08 -21.00 -12.69
CA THR A 237 -8.47 -19.87 -13.42
C THR A 237 -8.54 -18.59 -12.60
N PHE A 238 -7.54 -17.75 -12.78
CA PHE A 238 -7.60 -16.40 -12.27
C PHE A 238 -7.70 -15.34 -13.36
N PHE A 239 -7.60 -15.72 -14.62
CA PHE A 239 -7.77 -14.81 -15.75
C PHE A 239 -8.98 -15.23 -16.57
N TRP A 240 -9.74 -14.25 -17.04
CA TRP A 240 -10.87 -14.55 -17.90
C TRP A 240 -10.73 -13.85 -19.24
N SER A 241 -10.91 -14.59 -20.31
CA SER A 241 -10.96 -13.98 -21.63
C SER A 241 -12.11 -12.98 -21.73
N VAL A 242 -11.78 -11.76 -22.18
CA VAL A 242 -12.74 -10.67 -22.34
C VAL A 242 -14.02 -11.09 -23.06
N SER A 243 -13.93 -12.03 -24.01
CA SER A 243 -15.14 -12.37 -24.73
C SER A 243 -16.04 -13.35 -24.00
N ILE A 244 -15.67 -13.86 -22.83
CA ILE A 244 -16.53 -14.82 -22.13
C ILE A 244 -17.48 -14.01 -21.24
N PRO A 245 -18.79 -14.10 -21.45
CA PRO A 245 -19.71 -13.24 -20.68
C PRO A 245 -19.70 -13.59 -19.20
N HIS A 246 -20.05 -12.60 -18.37
CA HIS A 246 -20.05 -12.76 -16.92
C HIS A 246 -20.89 -13.97 -16.49
N GLU A 247 -22.09 -14.15 -17.06
CA GLU A 247 -22.94 -15.24 -16.60
C GLU A 247 -22.25 -16.58 -16.82
N ARG A 248 -21.50 -16.68 -17.92
CA ARG A 248 -20.79 -17.92 -18.26
C ARG A 248 -19.60 -18.13 -17.31
N ARG A 249 -18.92 -17.06 -16.90
CA ARG A 249 -17.86 -17.20 -15.89
C ARG A 249 -18.41 -17.78 -14.59
N ILE A 250 -19.53 -17.22 -14.11
CA ILE A 250 -20.16 -17.72 -12.89
C ILE A 250 -20.58 -19.18 -13.06
N LEU A 251 -21.17 -19.53 -14.19
CA LEU A 251 -21.63 -20.89 -14.36
C LEU A 251 -20.46 -21.85 -14.46
N THR A 252 -19.34 -21.40 -14.99
CA THR A 252 -18.15 -22.24 -15.04
C THR A 252 -17.64 -22.53 -13.62
N ILE A 253 -17.52 -21.50 -12.79
CA ILE A 253 -17.06 -21.71 -11.42
C ILE A 253 -17.99 -22.71 -10.70
N LEU A 254 -19.29 -22.53 -10.86
CA LEU A 254 -20.24 -23.42 -10.21
C LEU A 254 -20.10 -24.84 -10.75
N GLN A 255 -19.84 -24.98 -12.03
CA GLN A 255 -19.63 -26.33 -12.58
C GLN A 255 -18.33 -26.95 -12.05
N TRP A 256 -17.25 -26.17 -11.95
CA TRP A 256 -16.02 -26.70 -11.34
C TRP A 256 -16.28 -27.19 -9.90
N LEU A 257 -17.08 -26.45 -9.14
CA LEU A 257 -17.41 -26.82 -7.76
C LEU A 257 -18.21 -28.12 -7.64
N SER A 258 -18.81 -28.62 -8.74
CA SER A 258 -19.48 -29.92 -8.82
C SER A 258 -18.56 -31.08 -9.22
N LEU A 259 -17.31 -30.85 -9.52
CA LEU A 259 -16.40 -31.91 -9.91
C LEU A 259 -16.13 -32.87 -8.75
N PRO A 260 -15.58 -34.05 -9.04
CA PRO A 260 -15.25 -35.00 -7.96
C PRO A 260 -14.17 -34.46 -7.03
N ASP A 261 -14.12 -35.03 -5.82
CA ASP A 261 -13.24 -34.48 -4.79
C ASP A 261 -11.81 -34.43 -5.26
N ASN A 262 -11.40 -35.39 -6.08
CA ASN A 262 -9.99 -35.39 -6.45
C ASN A 262 -9.69 -34.55 -7.72
N GLU A 263 -10.66 -33.76 -8.19
CA GLU A 263 -10.42 -32.82 -9.29
C GLU A 263 -10.93 -31.40 -8.98
N ARG A 264 -11.73 -31.23 -7.98
CA ARG A 264 -12.35 -29.96 -7.72
C ARG A 264 -11.33 -28.97 -7.16
N PRO A 265 -11.20 -27.78 -7.72
CA PRO A 265 -10.35 -26.74 -7.09
C PRO A 265 -10.91 -26.24 -5.76
N SER A 266 -10.01 -25.67 -4.94
CA SER A 266 -10.45 -24.99 -3.71
C SER A 266 -10.39 -23.49 -3.78
N VAL A 267 -9.72 -22.88 -4.76
CA VAL A 267 -9.68 -21.42 -4.84
C VAL A 267 -10.03 -20.98 -6.26
N TYR A 268 -10.86 -19.93 -6.36
CA TYR A 268 -11.41 -19.46 -7.62
C TYR A 268 -11.30 -17.95 -7.65
N ALA A 269 -11.29 -17.38 -8.86
CA ALA A 269 -11.35 -15.93 -9.01
C ALA A 269 -12.37 -15.57 -10.08
N PHE A 270 -13.19 -14.55 -9.81
CA PHE A 270 -14.05 -13.90 -10.80
C PHE A 270 -13.57 -12.46 -10.95
N TYR A 271 -13.56 -11.94 -12.16
CA TYR A 271 -13.18 -10.54 -12.38
C TYR A 271 -14.27 -9.82 -13.18
N SER A 272 -14.65 -8.60 -12.76
CA SER A 272 -15.53 -7.74 -13.57
C SER A 272 -14.79 -6.46 -13.94
N GLU A 273 -14.81 -6.10 -15.22
CA GLU A 273 -14.29 -4.78 -15.59
C GLU A 273 -15.20 -3.63 -15.13
N GLN A 274 -16.45 -3.90 -14.75
N GLN A 274 -16.44 -3.93 -14.74
CA GLN A 274 -17.29 -2.77 -14.30
CA GLN A 274 -17.36 -2.91 -14.19
C GLN A 274 -17.10 -2.65 -12.80
C GLN A 274 -16.96 -2.66 -12.74
N PRO A 275 -17.23 -1.44 -12.24
CA PRO A 275 -17.84 -0.28 -12.90
C PRO A 275 -16.83 0.77 -13.42
N ASP A 276 -15.61 0.31 -13.76
CA ASP A 276 -14.55 1.24 -14.17
C ASP A 276 -14.93 1.97 -15.44
N PHE A 277 -15.48 1.25 -16.43
CA PHE A 277 -15.72 1.97 -17.70
C PHE A 277 -16.77 3.05 -17.52
N SER A 278 -17.90 2.74 -16.87
CA SER A 278 -18.90 3.80 -16.68
C SER A 278 -18.36 4.95 -15.79
N GLY A 279 -17.50 4.65 -14.83
CA GLY A 279 -16.87 5.71 -14.05
C GLY A 279 -16.06 6.67 -14.93
N HIS A 280 -15.29 6.11 -15.88
CA HIS A 280 -14.57 6.94 -16.84
C HIS A 280 -15.51 7.83 -17.65
N LYS A 281 -16.64 7.28 -18.10
CA LYS A 281 -17.50 8.02 -19.02
C LYS A 281 -18.33 9.07 -18.28
N TYR A 282 -18.92 8.69 -17.14
CA TYR A 282 -19.90 9.57 -16.47
C TYR A 282 -19.33 10.22 -15.20
N GLY A 283 -18.20 9.75 -14.71
CA GLY A 283 -17.64 10.22 -13.45
C GLY A 283 -18.26 9.51 -12.25
N PRO A 284 -17.58 9.58 -11.12
CA PRO A 284 -18.02 8.80 -9.94
C PRO A 284 -19.35 9.27 -9.36
N PHE A 285 -19.76 10.53 -9.55
CA PHE A 285 -21.01 11.03 -8.99
C PHE A 285 -22.16 11.12 -10.02
N GLY A 286 -21.95 10.63 -11.23
CA GLY A 286 -23.01 10.73 -12.22
C GLY A 286 -24.18 9.80 -11.86
N PRO A 287 -25.42 10.25 -12.06
CA PRO A 287 -26.55 9.34 -11.81
C PRO A 287 -26.49 8.10 -12.70
N GLU A 288 -25.74 8.13 -13.80
CA GLU A 288 -25.56 6.96 -14.66
C GLU A 288 -24.79 5.84 -13.97
N MET A 289 -24.12 6.08 -12.81
CA MET A 289 -23.41 5.00 -12.16
C MET A 289 -24.33 3.92 -11.58
N THR A 290 -25.61 4.24 -11.33
CA THR A 290 -26.53 3.33 -10.63
C THR A 290 -26.72 2.02 -11.39
N ASN A 291 -26.88 2.12 -12.73
CA ASN A 291 -27.12 0.96 -13.57
C ASN A 291 -25.96 -0.03 -13.62
N PRO A 292 -24.71 0.36 -13.89
CA PRO A 292 -23.64 -0.66 -13.79
C PRO A 292 -23.50 -1.24 -12.40
N LEU A 293 -23.81 -0.47 -11.34
CA LEU A 293 -23.75 -1.06 -10.00
C LEU A 293 -24.85 -2.10 -9.81
N ARG A 294 -26.08 -1.81 -10.29
CA ARG A 294 -27.13 -2.82 -10.27
C ARG A 294 -26.73 -4.10 -11.01
N GLU A 295 -26.04 -3.94 -12.16
CA GLU A 295 -25.62 -5.10 -12.95
C GLU A 295 -24.61 -5.96 -12.20
N ILE A 296 -23.62 -5.34 -11.56
CA ILE A 296 -22.67 -6.11 -10.78
C ILE A 296 -23.42 -6.86 -9.67
N ASP A 297 -24.35 -6.16 -9.02
CA ASP A 297 -25.08 -6.79 -7.91
C ASP A 297 -25.86 -8.00 -8.40
N LYS A 298 -26.46 -7.92 -9.59
CA LYS A 298 -27.12 -9.10 -10.18
C LYS A 298 -26.16 -10.29 -10.37
N THR A 299 -24.92 -10.03 -10.79
CA THR A 299 -23.94 -11.13 -10.92
C THR A 299 -23.56 -11.72 -9.56
N VAL A 300 -23.36 -10.88 -8.55
CA VAL A 300 -23.19 -11.38 -7.20
C VAL A 300 -24.39 -12.24 -6.74
N GLY A 301 -25.63 -11.83 -7.05
CA GLY A 301 -26.79 -12.63 -6.72
C GLY A 301 -26.84 -13.95 -7.46
N GLN A 302 -26.38 -13.97 -8.72
CA GLN A 302 -26.32 -15.25 -9.43
C GLN A 302 -25.31 -16.19 -8.79
N LEU A 303 -24.16 -15.68 -8.37
CA LEU A 303 -23.21 -16.52 -7.65
C LEU A 303 -23.82 -17.06 -6.36
N MET A 304 -24.32 -16.16 -5.49
CA MET A 304 -24.86 -16.63 -4.21
C MET A 304 -26.02 -17.60 -4.42
N ASP A 305 -26.91 -17.32 -5.38
CA ASP A 305 -28.01 -18.27 -5.59
C ASP A 305 -27.44 -19.61 -6.05
N GLY A 306 -26.42 -19.56 -6.91
CA GLY A 306 -25.86 -20.79 -7.43
C GLY A 306 -25.18 -21.60 -6.34
N LEU A 307 -24.48 -20.93 -5.43
CA LEU A 307 -23.87 -21.60 -4.27
C LEU A 307 -24.95 -22.19 -3.36
N LYS A 308 -26.04 -21.44 -3.15
CA LYS A 308 -27.11 -21.97 -2.32
C LYS A 308 -27.70 -23.23 -2.96
N GLN A 309 -27.80 -23.24 -4.28
CA GLN A 309 -28.31 -24.41 -5.00
C GLN A 309 -27.41 -25.64 -4.83
N LEU A 310 -26.08 -25.44 -4.77
CA LEU A 310 -25.10 -26.48 -4.47
C LEU A 310 -24.95 -26.79 -2.96
N LYS A 311 -25.72 -26.15 -2.09
CA LYS A 311 -25.59 -26.34 -0.65
C LYS A 311 -24.20 -25.93 -0.16
N LEU A 312 -23.60 -24.91 -0.80
CA LEU A 312 -22.29 -24.36 -0.42
C LEU A 312 -22.32 -22.93 0.13
N HIS A 313 -23.51 -22.36 0.41
CA HIS A 313 -23.55 -20.93 0.75
C HIS A 313 -23.10 -20.68 2.18
N ARG A 314 -22.96 -21.74 2.98
CA ARG A 314 -22.47 -21.65 4.35
C ARG A 314 -21.17 -22.46 4.50
N CYS A 315 -20.48 -22.65 3.37
CA CYS A 315 -19.22 -23.42 3.29
C CYS A 315 -18.09 -22.60 2.62
N VAL A 316 -18.42 -21.69 1.70
CA VAL A 316 -17.42 -20.97 0.90
C VAL A 316 -17.13 -19.60 1.51
N ASN A 317 -15.83 -19.24 1.60
CA ASN A 317 -15.47 -17.87 1.92
C ASN A 317 -15.47 -17.02 0.65
N VAL A 318 -16.18 -15.89 0.67
CA VAL A 318 -16.26 -15.02 -0.50
C VAL A 318 -15.56 -13.71 -0.14
N ILE A 319 -14.66 -13.26 -1.01
CA ILE A 319 -14.03 -11.94 -0.84
C ILE A 319 -14.48 -11.04 -2.01
N PHE A 320 -15.06 -9.87 -1.68
CA PHE A 320 -15.51 -8.89 -2.66
C PHE A 320 -14.52 -7.72 -2.53
N VAL A 321 -13.72 -7.48 -3.55
CA VAL A 321 -12.59 -6.56 -3.42
C VAL A 321 -12.42 -5.77 -4.72
N GLY A 322 -12.04 -4.46 -4.59
CA GLY A 322 -11.75 -3.65 -5.75
C GLY A 322 -10.26 -3.39 -5.94
N ASP A 323 -9.89 -2.96 -7.14
CA ASP A 323 -8.48 -2.66 -7.36
C ASP A 323 -8.10 -1.18 -7.10
N HIS A 324 -9.02 -0.23 -7.33
CA HIS A 324 -8.78 1.19 -7.03
C HIS A 324 -10.13 1.92 -7.17
N GLY A 325 -10.17 3.19 -6.77
CA GLY A 325 -11.36 4.02 -6.90
C GLY A 325 -11.41 4.77 -8.22
N MET A 326 -12.02 5.99 -8.19
CA MET A 326 -12.34 6.77 -9.37
C MET A 326 -12.57 8.23 -8.94
N GLU A 327 -11.98 9.17 -9.68
CA GLU A 327 -11.99 10.60 -9.34
C GLU A 327 -12.61 11.38 -10.49
N ASP A 328 -13.14 12.57 -10.19
CA ASP A 328 -13.61 13.50 -11.22
C ASP A 328 -12.43 14.12 -11.96
N VAL A 329 -12.32 13.87 -13.26
CA VAL A 329 -11.24 14.40 -14.08
C VAL A 329 -11.86 14.70 -15.42
N THR A 330 -11.72 15.96 -15.92
CA THR A 330 -12.24 16.39 -17.23
C THR A 330 -11.17 17.08 -18.06
N CYS A 331 -11.53 17.31 -19.35
CA CYS A 331 -10.64 17.98 -20.29
C CYS A 331 -10.26 19.40 -19.84
N ASP A 332 -11.12 20.08 -19.08
CA ASP A 332 -10.78 21.42 -18.60
C ASP A 332 -9.62 21.44 -17.60
N ARG A 333 -9.13 20.29 -17.15
CA ARG A 333 -8.07 20.23 -16.16
C ARG A 333 -6.92 19.38 -16.70
N THR A 334 -6.17 19.91 -17.68
CA THR A 334 -4.98 19.30 -18.24
C THR A 334 -3.83 20.29 -18.15
N GLU A 335 -2.68 19.83 -17.65
CA GLU A 335 -1.43 20.54 -17.84
C GLU A 335 -0.70 19.97 -19.05
N PHE A 336 -0.05 20.82 -19.83
CA PHE A 336 0.74 20.40 -20.97
C PHE A 336 2.21 20.64 -20.69
N LEU A 337 3.05 19.61 -20.85
CA LEU A 337 4.50 19.80 -20.63
C LEU A 337 5.14 20.77 -21.63
N SER A 338 4.56 20.95 -22.82
CA SER A 338 5.03 21.93 -23.78
C SER A 338 4.95 23.34 -23.24
N ASN A 339 4.18 23.59 -22.17
CA ASN A 339 4.16 24.94 -21.59
C ASN A 339 5.34 25.17 -20.68
N TYR A 340 6.10 24.14 -20.43
CA TYR A 340 7.24 24.13 -19.52
C TYR A 340 8.56 23.81 -20.22
N LEU A 341 8.52 22.90 -21.22
CA LEU A 341 9.70 22.31 -21.82
C LEU A 341 9.74 22.73 -23.27
N THR A 342 10.89 23.15 -23.76
CA THR A 342 10.90 23.53 -25.18
C THR A 342 11.03 22.34 -26.14
N ASN A 343 11.43 21.12 -25.74
CA ASN A 343 11.55 20.02 -26.71
C ASN A 343 10.83 18.76 -26.24
N VAL A 344 9.50 18.76 -26.27
CA VAL A 344 8.79 17.59 -25.80
C VAL A 344 8.84 16.45 -26.80
N ASP A 345 9.32 16.72 -28.02
CA ASP A 345 9.50 15.65 -28.98
C ASP A 345 10.67 14.72 -28.65
N ASP A 346 11.64 15.19 -27.90
CA ASP A 346 12.78 14.38 -27.51
C ASP A 346 12.52 13.54 -26.27
N ILE A 347 11.31 13.53 -25.72
CA ILE A 347 11.04 12.67 -24.58
C ILE A 347 9.80 11.83 -24.87
N THR A 348 9.72 10.70 -24.18
CA THR A 348 8.53 9.86 -24.09
C THR A 348 7.88 10.10 -22.73
N LEU A 349 6.56 10.30 -22.71
CA LEU A 349 5.81 10.54 -21.49
C LEU A 349 4.71 9.49 -21.38
N VAL A 350 4.65 8.79 -20.25
CA VAL A 350 3.41 8.10 -19.90
C VAL A 350 2.57 9.18 -19.22
N PRO A 351 1.38 9.51 -19.77
CA PRO A 351 0.65 10.71 -19.31
C PRO A 351 -0.53 10.43 -18.40
N GLY A 352 -1.37 11.44 -18.16
CA GLY A 352 -2.62 11.25 -17.47
C GLY A 352 -2.55 11.62 -16.00
N THR A 353 -2.89 10.67 -15.12
CA THR A 353 -2.94 10.90 -13.69
C THR A 353 -1.61 10.66 -12.99
N LEU A 354 -0.59 10.25 -13.73
CA LEU A 354 0.79 10.24 -13.27
C LEU A 354 1.64 10.62 -14.47
N GLY A 355 2.90 10.93 -14.25
CA GLY A 355 3.79 11.18 -15.36
C GLY A 355 5.06 10.36 -15.16
N ARG A 356 5.49 9.64 -16.18
CA ARG A 356 6.80 8.99 -16.17
C ARG A 356 7.51 9.47 -17.44
N ILE A 357 8.72 10.05 -17.31
CA ILE A 357 9.40 10.63 -18.48
C ILE A 357 10.69 9.86 -18.74
N ARG A 358 11.00 9.58 -20.00
CA ARG A 358 12.32 9.07 -20.38
C ARG A 358 12.66 9.58 -21.79
N PRO A 359 13.93 9.47 -22.21
CA PRO A 359 14.29 9.98 -23.54
C PRO A 359 13.63 9.16 -24.65
N LYS A 360 13.35 9.82 -25.78
CA LYS A 360 12.73 9.10 -26.91
C LYS A 360 13.63 7.97 -27.41
N ILE A 361 14.95 8.17 -27.40
CA ILE A 361 15.89 7.12 -27.81
C ILE A 361 16.46 6.50 -26.53
N PRO A 362 16.22 5.22 -26.27
CA PRO A 362 16.61 4.63 -24.98
C PRO A 362 18.11 4.73 -24.72
N ASN A 363 18.46 5.14 -23.49
CA ASN A 363 19.83 5.41 -23.06
C ASN A 363 20.49 6.54 -23.86
N ASN A 364 19.69 7.45 -24.42
CA ASN A 364 20.23 8.59 -25.16
C ASN A 364 21.16 9.40 -24.27
N LEU A 365 22.42 9.54 -24.69
CA LEU A 365 23.43 10.23 -23.90
C LEU A 365 23.13 11.72 -23.70
N LYS A 366 22.42 12.38 -24.63
CA LYS A 366 22.10 13.81 -24.48
C LYS A 366 20.84 14.08 -23.62
N TYR A 367 20.26 13.05 -23.01
CA TYR A 367 19.12 13.26 -22.10
C TYR A 367 19.62 13.92 -20.83
N ASP A 368 19.04 15.07 -20.45
CA ASP A 368 19.51 15.86 -19.31
C ASP A 368 18.37 16.08 -18.30
N PRO A 369 18.14 15.13 -17.40
CA PRO A 369 16.99 15.26 -16.49
C PRO A 369 17.13 16.41 -15.50
N LYS A 370 18.35 16.92 -15.26
CA LYS A 370 18.48 18.08 -14.40
C LYS A 370 17.88 19.33 -15.05
N ALA A 371 18.09 19.52 -16.35
CA ALA A 371 17.52 20.71 -16.97
C ALA A 371 16.01 20.57 -17.05
N ILE A 372 15.55 19.34 -17.28
CA ILE A 372 14.12 19.07 -17.36
C ILE A 372 13.46 19.34 -16.00
N ILE A 373 14.03 18.79 -14.92
CA ILE A 373 13.33 18.94 -13.67
C ILE A 373 13.30 20.41 -13.21
N ALA A 374 14.38 21.16 -13.47
CA ALA A 374 14.38 22.60 -13.16
C ALA A 374 13.28 23.34 -13.92
N ASN A 375 13.08 23.00 -15.18
CA ASN A 375 12.01 23.69 -15.89
C ASN A 375 10.61 23.26 -15.43
N LEU A 376 10.49 22.17 -14.68
CA LEU A 376 9.19 21.69 -14.23
C LEU A 376 8.92 21.99 -12.75
N THR A 377 9.81 22.70 -12.09
CA THR A 377 9.75 22.92 -10.65
C THR A 377 9.17 24.32 -10.39
N CYS A 378 8.02 24.39 -9.72
CA CYS A 378 7.41 25.63 -9.24
C CYS A 378 7.43 26.72 -10.32
N LYS A 379 6.98 26.39 -11.53
CA LYS A 379 7.04 27.42 -12.56
C LYS A 379 5.75 28.20 -12.74
N LYS A 380 4.62 27.67 -12.29
CA LYS A 380 3.35 28.35 -12.47
C LYS A 380 2.63 28.41 -11.13
N PRO A 381 1.87 29.47 -10.87
CA PRO A 381 1.43 29.71 -9.47
C PRO A 381 0.59 28.59 -8.87
N ASP A 382 -0.36 28.03 -9.57
CA ASP A 382 -1.12 26.93 -8.95
C ASP A 382 -0.83 25.59 -9.64
N GLN A 383 0.42 25.40 -10.04
CA GLN A 383 0.84 24.28 -10.88
C GLN A 383 0.27 22.96 -10.38
N HIS A 384 -0.31 22.14 -11.28
CA HIS A 384 -1.11 21.00 -10.79
C HIS A 384 -0.39 19.64 -10.90
N PHE A 385 0.94 19.65 -10.81
CA PHE A 385 1.73 18.43 -10.71
C PHE A 385 3.03 18.87 -10.07
N LYS A 386 3.80 17.86 -9.62
CA LYS A 386 5.11 18.16 -8.99
C LYS A 386 6.12 17.11 -9.50
N PRO A 387 7.28 17.53 -10.00
CA PRO A 387 8.27 16.54 -10.46
C PRO A 387 9.10 16.00 -9.31
N TYR A 388 9.54 14.74 -9.47
CA TYR A 388 10.44 14.12 -8.52
C TYR A 388 11.37 13.22 -9.29
N MET A 389 12.65 13.25 -8.95
CA MET A 389 13.46 12.04 -9.14
C MET A 389 12.94 10.93 -8.22
N LYS A 390 12.88 9.69 -8.76
CA LYS A 390 12.05 8.68 -8.10
C LYS A 390 12.56 8.37 -6.68
N GLN A 391 13.87 8.50 -6.44
CA GLN A 391 14.36 8.27 -5.08
C GLN A 391 13.84 9.33 -4.08
N HIS A 392 13.31 10.45 -4.58
CA HIS A 392 12.76 11.47 -3.68
C HIS A 392 11.25 11.40 -3.52
N LEU A 393 10.58 10.48 -4.19
CA LEU A 393 9.15 10.29 -3.86
C LEU A 393 8.96 9.93 -2.38
N PRO A 394 7.79 10.26 -1.81
CA PRO A 394 7.47 9.82 -0.43
C PRO A 394 7.72 8.32 -0.27
N LYS A 395 8.44 7.96 0.80
CA LYS A 395 8.80 6.53 0.94
C LYS A 395 7.56 5.63 1.07
N ARG A 396 6.47 6.14 1.63
CA ARG A 396 5.24 5.34 1.75
C ARG A 396 4.72 4.85 0.41
N LEU A 397 5.11 5.46 -0.72
CA LEU A 397 4.68 4.92 -2.02
C LEU A 397 5.49 3.66 -2.43
N HIS A 398 6.67 3.43 -1.84
CA HIS A 398 7.52 2.25 -2.18
C HIS A 398 7.65 2.12 -3.69
N TYR A 399 7.94 3.24 -4.38
CA TYR A 399 7.87 3.25 -5.86
C TYR A 399 9.19 3.73 -6.46
N ALA A 400 10.24 2.92 -6.35
CA ALA A 400 11.51 3.35 -6.89
C ALA A 400 12.44 2.20 -7.29
N ASN A 401 12.41 1.07 -6.58
CA ASN A 401 13.46 0.04 -6.72
C ASN A 401 13.10 -0.96 -7.83
N ASN A 402 12.99 -0.44 -9.04
CA ASN A 402 12.76 -1.27 -10.22
C ASN A 402 13.26 -0.53 -11.46
N ARG A 403 14.01 -1.24 -12.30
CA ARG A 403 14.54 -0.63 -13.50
C ARG A 403 13.45 -0.23 -14.52
N ARG A 404 12.22 -0.70 -14.35
CA ARG A 404 11.12 -0.28 -15.21
C ARG A 404 10.49 1.03 -14.75
N ILE A 405 10.86 1.55 -13.57
CA ILE A 405 10.34 2.84 -13.11
C ILE A 405 11.31 3.93 -13.54
N GLU A 406 10.84 4.85 -14.39
CA GLU A 406 11.72 5.90 -14.91
C GLU A 406 12.21 6.81 -13.77
N ASP A 407 13.45 7.30 -13.87
CA ASP A 407 14.04 8.14 -12.83
C ASP A 407 13.17 9.37 -12.61
N LEU A 408 12.65 9.96 -13.69
CA LEU A 408 11.86 11.19 -13.58
C LEU A 408 10.37 10.89 -13.51
N HIS A 409 9.72 11.36 -12.44
CA HIS A 409 8.32 11.03 -12.16
C HIS A 409 7.57 12.32 -11.92
N LEU A 410 6.30 12.35 -12.29
CA LEU A 410 5.41 13.48 -11.96
C LEU A 410 4.28 12.96 -11.09
N LEU A 411 4.12 13.52 -9.87
CA LEU A 411 2.95 13.30 -9.02
C LEU A 411 1.90 14.32 -9.40
N VAL A 412 0.76 13.88 -9.90
CA VAL A 412 -0.25 14.79 -10.42
C VAL A 412 -1.31 15.08 -9.36
N GLU A 413 -1.78 16.33 -9.30
CA GLU A 413 -2.82 16.70 -8.34
C GLU A 413 -4.10 15.94 -8.67
N ARG A 414 -4.78 15.45 -7.64
CA ARG A 414 -6.08 14.79 -7.86
C ARG A 414 -6.99 15.71 -8.67
N ARG A 415 -7.74 15.14 -9.58
CA ARG A 415 -8.71 15.77 -10.47
C ARG A 415 -8.03 16.34 -11.72
N TRP A 416 -6.72 16.20 -11.87
CA TRP A 416 -6.02 16.78 -13.02
C TRP A 416 -5.40 15.71 -13.89
N HIS A 417 -5.10 16.08 -15.15
CA HIS A 417 -4.26 15.26 -16.02
C HIS A 417 -3.01 16.05 -16.42
N VAL A 418 -1.95 15.31 -16.76
CA VAL A 418 -0.83 15.91 -17.48
C VAL A 418 -0.80 15.29 -18.88
N ALA A 419 -0.47 16.09 -19.87
CA ALA A 419 -0.38 15.68 -21.26
C ALA A 419 0.93 16.20 -21.81
N ARG A 420 1.36 15.65 -22.96
CA ARG A 420 2.64 16.06 -23.50
C ARG A 420 2.54 17.41 -24.20
N LYS A 421 1.61 17.55 -25.14
CA LYS A 421 1.52 18.77 -25.92
C LYS A 421 0.16 18.76 -26.61
N PRO A 422 -0.40 19.92 -26.92
CA PRO A 422 -1.59 19.94 -27.77
C PRO A 422 -1.18 19.63 -29.20
N LEU A 423 -2.11 19.02 -29.96
CA LEU A 423 -1.84 18.79 -31.39
C LEU A 423 -1.77 20.07 -32.17
N ASP A 424 -2.76 20.92 -32.02
CA ASP A 424 -2.79 22.23 -32.68
C ASP A 424 -2.93 23.29 -31.60
N VAL A 425 -1.82 23.91 -31.22
CA VAL A 425 -1.84 24.92 -30.16
C VAL A 425 -2.79 26.09 -30.51
N TYR A 426 -3.03 26.33 -31.81
CA TYR A 426 -3.79 27.51 -32.26
C TYR A 426 -5.32 27.33 -32.28
N LYS A 427 -5.86 26.11 -32.39
CA LYS A 427 -7.30 25.93 -32.59
C LYS A 427 -8.14 26.37 -31.38
N LYS A 428 -9.43 26.60 -31.65
CA LYS A 428 -10.33 27.36 -30.79
C LYS A 428 -10.90 26.47 -29.67
N PRO A 429 -11.78 27.05 -28.76
CA PRO A 429 -12.33 26.24 -27.65
C PRO A 429 -13.64 25.54 -27.97
N SER A 430 -13.58 24.21 -28.19
CA SER A 430 -14.78 23.49 -28.62
C SER A 430 -15.65 23.03 -27.46
N GLY A 431 -15.05 22.73 -26.31
CA GLY A 431 -15.89 22.33 -25.20
C GLY A 431 -16.38 20.92 -25.29
N LYS A 432 -15.69 20.07 -26.04
CA LYS A 432 -16.09 18.69 -26.17
C LYS A 432 -15.18 17.85 -25.27
N CYS A 433 -15.79 17.07 -24.40
CA CYS A 433 -15.01 16.17 -23.57
C CYS A 433 -15.79 14.86 -23.49
N PHE A 434 -15.11 13.75 -23.77
CA PHE A 434 -15.79 12.47 -23.78
C PHE A 434 -15.47 11.63 -22.55
N PHE A 435 -14.94 12.22 -21.48
CA PHE A 435 -14.70 11.43 -20.27
C PHE A 435 -14.87 12.35 -19.08
N GLN A 436 -15.23 11.77 -17.94
CA GLN A 436 -15.42 12.54 -16.71
C GLN A 436 -14.77 11.92 -15.50
N GLY A 437 -14.17 10.74 -15.59
CA GLY A 437 -13.50 10.13 -14.42
C GLY A 437 -12.14 9.54 -14.79
N ASP A 438 -11.26 9.46 -13.81
CA ASP A 438 -10.02 8.73 -14.00
C ASP A 438 -9.39 8.43 -12.65
N HIS A 439 -8.37 7.56 -12.67
CA HIS A 439 -7.71 7.04 -11.46
C HIS A 439 -6.20 6.91 -11.78
N GLY A 440 -5.38 6.79 -10.74
CA GLY A 440 -3.94 6.66 -10.96
C GLY A 440 -3.14 7.49 -9.95
N PHE A 441 -3.82 8.44 -9.27
CA PHE A 441 -3.25 9.37 -8.32
C PHE A 441 -2.64 8.63 -7.10
N ASP A 442 -1.87 9.40 -6.32
CA ASP A 442 -1.35 9.05 -5.00
C ASP A 442 -2.35 8.18 -4.23
N ASN A 443 -1.92 7.05 -3.67
CA ASN A 443 -2.88 6.11 -3.10
C ASN A 443 -3.39 6.55 -1.74
N LYS A 444 -3.05 7.74 -1.25
CA LYS A 444 -3.75 8.13 -0.04
C LYS A 444 -4.90 9.09 -0.30
N VAL A 445 -5.15 9.44 -1.56
CA VAL A 445 -6.27 10.29 -1.94
C VAL A 445 -7.58 9.54 -1.72
N ASN A 446 -8.57 10.19 -1.11
CA ASN A 446 -9.82 9.50 -0.71
C ASN A 446 -10.55 8.87 -1.92
N SER A 447 -10.63 9.57 -3.05
CA SER A 447 -11.33 9.03 -4.24
C SER A 447 -10.71 7.76 -4.82
N MET A 448 -9.44 7.48 -4.54
CA MET A 448 -8.71 6.29 -4.99
C MET A 448 -8.95 5.05 -4.11
N GLN A 449 -9.51 5.22 -2.89
CA GLN A 449 -9.73 4.10 -1.98
C GLN A 449 -10.80 3.17 -2.57
N THR A 450 -10.72 1.89 -2.24
CA THR A 450 -11.64 0.92 -2.84
C THR A 450 -12.25 0.06 -1.73
N VAL A 451 -12.81 -1.13 -2.08
CA VAL A 451 -13.72 -1.83 -1.17
C VAL A 451 -13.11 -3.13 -0.72
N PHE A 452 -13.47 -3.56 0.48
CA PHE A 452 -13.20 -4.91 0.90
C PHE A 452 -14.38 -5.48 1.71
N VAL A 453 -14.85 -6.68 1.33
CA VAL A 453 -15.83 -7.42 2.14
C VAL A 453 -15.37 -8.87 2.17
N GLY A 454 -15.41 -9.50 3.35
CA GLY A 454 -15.12 -10.93 3.46
C GLY A 454 -16.34 -11.58 4.11
N TYR A 455 -16.91 -12.60 3.46
CA TYR A 455 -18.13 -13.24 3.93
C TYR A 455 -17.87 -14.73 3.95
N GLY A 456 -18.21 -15.38 5.07
CA GLY A 456 -18.08 -16.82 5.17
C GLY A 456 -17.78 -17.38 6.55
N PRO A 457 -17.62 -18.73 6.64
CA PRO A 457 -17.36 -19.33 7.94
C PRO A 457 -16.09 -18.82 8.57
N THR A 458 -15.05 -18.52 7.79
CA THR A 458 -13.80 -18.15 8.46
C THR A 458 -13.73 -16.67 8.82
N PHE A 459 -14.52 -15.82 8.15
CA PHE A 459 -14.55 -14.41 8.51
C PHE A 459 -15.48 -14.20 9.70
N LYS A 460 -15.28 -13.10 10.41
CA LYS A 460 -16.18 -12.74 11.51
C LYS A 460 -17.56 -12.33 11.00
N TYR A 461 -18.53 -12.30 11.91
CA TYR A 461 -19.95 -12.05 11.64
C TYR A 461 -20.28 -10.59 11.96
N ARG A 462 -20.92 -9.89 11.03
CA ARG A 462 -21.39 -8.52 11.26
C ARG A 462 -20.32 -7.67 11.96
N THR A 463 -19.14 -7.61 11.38
CA THR A 463 -17.98 -6.97 12.03
C THR A 463 -17.37 -5.91 11.11
N LYS A 464 -17.10 -4.74 11.66
CA LYS A 464 -16.45 -3.68 10.91
C LYS A 464 -15.02 -3.62 11.41
N VAL A 465 -14.03 -3.57 10.51
CA VAL A 465 -12.62 -3.47 10.88
C VAL A 465 -12.05 -2.19 10.30
N PRO A 466 -10.96 -1.67 10.86
CA PRO A 466 -10.40 -0.38 10.33
C PRO A 466 -9.84 -0.56 8.93
N PRO A 467 -9.73 0.53 8.17
CA PRO A 467 -9.10 0.47 6.82
C PRO A 467 -7.74 -0.17 6.86
N PHE A 468 -7.38 -0.84 5.77
CA PHE A 468 -6.06 -1.49 5.71
C PHE A 468 -5.62 -1.50 4.25
N GLU A 469 -4.36 -1.88 4.01
CA GLU A 469 -3.74 -1.80 2.69
C GLU A 469 -3.88 -3.13 1.96
N ASN A 470 -4.05 -3.05 0.64
CA ASN A 470 -4.31 -4.26 -0.12
C ASN A 470 -3.08 -5.20 -0.16
N ILE A 471 -1.87 -4.71 0.14
CA ILE A 471 -0.73 -5.65 0.23
C ILE A 471 -0.94 -6.70 1.33
N GLU A 472 -1.84 -6.45 2.30
CA GLU A 472 -2.03 -7.39 3.42
C GLU A 472 -2.94 -8.57 3.05
N LEU A 473 -3.61 -8.52 1.92
CA LEU A 473 -4.66 -9.51 1.66
C LEU A 473 -4.09 -10.88 1.35
N TYR A 474 -2.95 -10.92 0.64
CA TYR A 474 -2.38 -12.21 0.20
C TYR A 474 -2.16 -13.16 1.40
N ASN A 475 -1.61 -12.64 2.51
CA ASN A 475 -1.45 -13.42 3.73
C ASN A 475 -2.78 -13.95 4.24
N VAL A 476 -3.83 -13.14 4.20
CA VAL A 476 -5.14 -13.58 4.68
C VAL A 476 -5.67 -14.69 3.80
N MET A 477 -5.53 -14.52 2.47
CA MET A 477 -6.02 -15.57 1.56
C MET A 477 -5.22 -16.86 1.77
N CYS A 478 -3.92 -16.73 2.03
CA CYS A 478 -3.14 -17.92 2.41
C CYS A 478 -3.68 -18.56 3.69
N ASP A 479 -3.97 -17.74 4.73
CA ASP A 479 -4.56 -18.30 5.95
C ASP A 479 -5.89 -19.01 5.67
N LEU A 480 -6.76 -18.40 4.86
CA LEU A 480 -8.05 -19.02 4.56
C LEU A 480 -7.91 -20.36 3.85
N LEU A 481 -6.77 -20.60 3.20
CA LEU A 481 -6.57 -21.86 2.48
C LEU A 481 -5.60 -22.80 3.19
N GLY A 482 -5.08 -22.42 4.35
CA GLY A 482 -4.11 -23.30 4.98
C GLY A 482 -2.73 -23.28 4.38
N LEU A 483 -2.32 -22.17 3.76
CA LEU A 483 -1.10 -22.11 2.98
C LEU A 483 -0.06 -21.29 3.72
N LYS A 484 1.19 -21.69 3.65
CA LYS A 484 2.29 -20.82 4.11
C LYS A 484 2.55 -19.75 3.04
N PRO A 485 2.42 -18.47 3.35
CA PRO A 485 2.67 -17.43 2.32
C PRO A 485 4.10 -17.43 1.84
N ALA A 486 4.30 -17.07 0.58
CA ALA A 486 5.64 -16.73 0.11
C ALA A 486 6.07 -15.37 0.70
N PRO A 487 7.38 -15.11 0.83
CA PRO A 487 7.84 -13.81 1.39
C PRO A 487 7.17 -12.63 0.68
N ASN A 488 6.56 -11.74 1.43
CA ASN A 488 5.85 -10.63 0.76
C ASN A 488 5.89 -9.40 1.66
N ASN A 489 5.16 -8.32 1.26
CA ASN A 489 5.21 -7.06 2.00
C ASN A 489 4.09 -6.87 3.00
N GLY A 490 3.15 -7.81 3.12
CA GLY A 490 2.19 -7.73 4.20
C GLY A 490 2.89 -8.00 5.53
N THR A 491 2.21 -7.70 6.62
CA THR A 491 2.75 -7.95 7.97
C THR A 491 1.85 -9.04 8.51
N HIS A 492 2.35 -10.27 8.52
CA HIS A 492 1.51 -11.44 8.77
C HIS A 492 1.05 -11.45 10.22
N GLY A 493 -0.27 -11.45 10.44
CA GLY A 493 -0.84 -11.30 11.76
C GLY A 493 -1.52 -9.96 11.97
N SER A 494 -1.21 -8.95 11.14
CA SER A 494 -1.84 -7.63 11.31
C SER A 494 -3.35 -7.60 10.98
N LEU A 495 -3.87 -8.60 10.26
CA LEU A 495 -5.31 -8.73 9.95
C LEU A 495 -5.95 -9.95 10.63
N ASN A 496 -5.37 -10.41 11.75
CA ASN A 496 -5.99 -11.51 12.49
C ASN A 496 -7.39 -11.13 12.99
N HIS A 497 -7.61 -9.84 13.25
CA HIS A 497 -8.92 -9.42 13.74
C HIS A 497 -10.00 -9.49 12.66
N LEU A 498 -9.68 -9.83 11.42
CA LEU A 498 -10.74 -10.10 10.43
C LEU A 498 -11.35 -11.49 10.59
N LEU A 499 -10.64 -12.41 11.23
CA LEU A 499 -10.94 -13.84 11.14
C LEU A 499 -11.49 -14.38 12.44
N ARG A 500 -12.44 -15.31 12.32
CA ARG A 500 -12.96 -15.98 13.49
C ARG A 500 -12.06 -17.14 13.91
N THR A 501 -11.28 -17.70 12.98
CA THR A 501 -10.36 -18.84 13.24
C THR A 501 -9.29 -18.84 12.14
N ASN A 502 -8.38 -19.83 12.18
CA ASN A 502 -7.27 -19.91 11.21
C ASN A 502 -6.37 -18.69 11.32
N THR A 503 -6.32 -18.04 12.48
CA THR A 503 -5.41 -16.94 12.59
C THR A 503 -3.97 -17.47 12.65
N PHE A 504 -3.03 -16.58 12.42
CA PHE A 504 -1.64 -16.94 12.36
C PHE A 504 -1.10 -16.48 13.69
N ARG A 505 -0.34 -17.31 14.35
CA ARG A 505 0.20 -16.83 15.63
C ARG A 505 1.56 -16.15 15.42
N PRO A 506 1.67 -14.82 15.45
CA PRO A 506 2.96 -14.20 15.15
C PRO A 506 3.87 -14.25 16.37
N THR A 507 5.18 -14.14 16.12
CA THR A 507 6.19 -14.10 17.19
C THR A 507 7.17 -12.94 16.97
N LEU A 508 7.68 -12.40 18.09
CA LEU A 508 8.62 -11.27 18.07
C LEU A 508 9.87 -11.64 17.29
N PRO A 509 10.40 -10.75 16.46
CA PRO A 509 11.71 -11.03 15.83
C PRO A 509 12.79 -11.06 16.90
N GLU A 510 13.76 -11.97 16.72
CA GLU A 510 14.77 -12.16 17.74
C GLU A 510 15.82 -11.09 17.64
N GLU A 511 16.22 -10.61 18.80
CA GLU A 511 17.19 -9.56 18.90
C GLU A 511 18.58 -10.17 18.79
N VAL A 512 19.44 -9.50 18.04
CA VAL A 512 20.72 -10.05 17.58
C VAL A 512 21.87 -9.39 18.33
N SER A 513 21.69 -8.15 18.73
CA SER A 513 22.70 -7.34 19.39
C SER A 513 22.17 -6.92 20.76
N ARG A 514 23.01 -6.90 21.73
CA ARG A 514 22.56 -6.34 23.01
C ARG A 514 23.32 -5.06 23.29
N PRO A 515 22.74 -4.13 24.04
CA PRO A 515 23.40 -2.83 24.28
C PRO A 515 24.46 -2.93 25.35
N ASN A 516 25.47 -2.10 25.19
CA ASN A 516 26.32 -1.77 26.31
C ASN A 516 25.71 -0.61 27.13
N TYR A 517 26.09 -0.50 28.40
CA TYR A 517 25.59 0.54 29.28
C TYR A 517 26.81 1.24 29.87
N PRO A 518 27.44 2.16 29.12
CA PRO A 518 28.69 2.73 29.58
C PRO A 518 28.53 3.68 30.75
N GLY A 519 29.44 3.59 31.72
CA GLY A 519 29.58 4.61 32.72
C GLY A 519 30.55 5.71 32.29
N ILE A 520 30.90 6.58 33.24
CA ILE A 520 31.86 7.63 32.95
C ILE A 520 33.23 6.99 32.82
N MET A 521 33.88 7.18 31.68
CA MET A 521 35.16 6.50 31.47
C MET A 521 36.28 7.37 30.97
N TYR A 522 36.01 8.63 30.60
CA TYR A 522 37.01 9.51 30.01
C TYR A 522 36.99 10.85 30.73
N LEU A 523 38.09 11.57 30.59
CA LEU A 523 38.23 12.94 31.05
C LEU A 523 37.88 13.89 29.92
N GLN A 524 37.38 15.06 30.26
CA GLN A 524 37.27 16.12 29.27
C GLN A 524 38.57 16.31 28.50
N SER A 525 39.71 16.35 29.19
CA SER A 525 40.99 16.56 28.53
C SER A 525 41.36 15.43 27.56
N ASP A 526 40.62 14.32 27.53
CA ASP A 526 40.92 13.30 26.55
C ASP A 526 40.40 13.65 25.15
N PHE A 527 39.59 14.69 24.99
CA PHE A 527 38.87 14.93 23.74
C PHE A 527 39.52 16.08 22.99
N ASP A 528 39.75 15.89 21.68
CA ASP A 528 40.29 16.91 20.79
C ASP A 528 39.39 16.98 19.55
N LEU A 529 38.12 17.32 19.80
CA LEU A 529 37.09 17.28 18.77
C LEU A 529 36.94 18.62 18.08
N GLY A 530 37.64 19.64 18.52
CA GLY A 530 37.43 20.96 17.95
C GLY A 530 36.13 21.60 18.39
N CYS A 531 35.54 21.13 19.47
CA CYS A 531 34.26 21.65 19.92
C CYS A 531 34.46 22.72 21.00
N THR A 532 33.49 23.64 21.11
CA THR A 532 33.54 24.62 22.19
C THR A 532 32.17 24.71 22.84
N CYS A 533 32.18 25.10 24.12
CA CYS A 533 30.93 25.37 24.84
C CYS A 533 31.21 26.37 25.94
N ASP A 534 30.39 27.40 25.98
CA ASP A 534 30.61 28.46 26.96
C ASP A 534 30.22 28.00 28.35
N SER A 551 14.81 7.15 36.76
CA SER A 551 13.44 7.28 36.27
C SER A 551 13.43 7.65 34.78
N THR A 552 14.63 7.68 34.20
CA THR A 552 14.79 7.98 32.78
C THR A 552 14.05 6.95 31.91
N GLU A 553 14.29 5.65 32.15
CA GLU A 553 13.59 4.62 31.37
C GLU A 553 12.09 4.62 31.67
N GLU A 554 11.73 4.73 32.97
CA GLU A 554 10.32 4.83 33.35
C GLU A 554 9.58 5.92 32.57
N ARG A 555 10.24 7.05 32.32
CA ARG A 555 9.56 8.22 31.76
C ARG A 555 9.69 8.33 30.24
N HIS A 556 10.87 8.04 29.69
CA HIS A 556 11.15 8.42 28.30
C HIS A 556 11.16 7.27 27.34
N LEU A 557 11.31 6.06 27.81
CA LEU A 557 11.15 4.86 27.00
C LEU A 557 9.90 4.14 27.52
N LEU A 558 8.80 4.25 26.80
CA LEU A 558 7.54 3.81 27.35
C LEU A 558 7.16 2.41 26.95
N TYR A 559 7.69 1.92 25.83
CA TYR A 559 7.30 0.61 25.30
C TYR A 559 8.50 -0.34 25.20
N GLY A 560 9.48 -0.21 26.10
CA GLY A 560 10.71 -0.99 26.01
C GLY A 560 11.70 -0.40 25.00
N ARG A 561 12.96 -0.80 25.13
CA ARG A 561 13.88 -0.34 24.11
C ARG A 561 13.57 -1.02 22.77
N PRO A 562 13.86 -0.35 21.67
CA PRO A 562 13.74 -1.01 20.36
C PRO A 562 14.75 -2.15 20.28
N ALA A 563 14.38 -3.28 19.70
CA ALA A 563 15.39 -4.32 19.45
C ALA A 563 16.17 -3.98 18.18
N VAL A 564 17.49 -4.16 18.21
CA VAL A 564 18.33 -4.05 17.03
C VAL A 564 18.45 -5.45 16.40
N LEU A 565 17.97 -5.58 15.17
CA LEU A 565 17.82 -6.90 14.56
C LEU A 565 19.03 -7.26 13.67
N TYR A 566 20.21 -6.72 13.94
CA TYR A 566 21.42 -7.12 13.20
C TYR A 566 22.62 -6.97 14.15
N ARG A 567 23.79 -7.49 13.74
CA ARG A 567 24.95 -7.47 14.62
C ARG A 567 25.61 -6.10 14.59
N THR A 568 25.84 -5.51 15.76
CA THR A 568 26.46 -4.16 15.81
C THR A 568 26.82 -3.83 17.26
N SER A 569 27.65 -2.82 17.44
CA SER A 569 28.04 -2.40 18.79
C SER A 569 27.35 -1.07 19.05
N TYR A 570 26.56 -1.00 20.12
CA TYR A 570 25.93 0.27 20.43
C TYR A 570 25.77 0.42 21.94
N ASP A 571 25.60 1.67 22.37
CA ASP A 571 25.54 2.04 23.79
C ASP A 571 24.17 2.61 24.09
N ILE A 572 23.61 2.31 25.25
CA ILE A 572 22.42 3.03 25.69
C ILE A 572 22.86 4.13 26.64
N LEU A 573 22.35 5.34 26.40
CA LEU A 573 22.78 6.55 27.10
C LEU A 573 21.54 7.17 27.75
N TYR A 574 21.60 7.45 29.06
CA TYR A 574 20.47 7.96 29.82
C TYR A 574 20.71 9.43 30.12
N HIS A 575 19.63 10.20 30.14
CA HIS A 575 19.71 11.60 30.55
C HIS A 575 18.40 11.93 31.24
N THR A 576 18.37 13.10 31.91
CA THR A 576 17.12 13.54 32.56
C THR A 576 15.92 13.58 31.62
N ASP A 577 16.12 14.07 30.39
CA ASP A 577 15.00 14.35 29.48
C ASP A 577 14.89 13.38 28.30
N PHE A 578 15.82 12.44 28.11
CA PHE A 578 15.75 11.55 26.94
C PHE A 578 16.71 10.39 27.12
N GLU A 579 16.49 9.35 26.33
CA GLU A 579 17.34 8.16 26.32
C GLU A 579 17.67 7.85 24.86
N SER A 580 18.86 7.27 24.59
CA SER A 580 19.23 7.02 23.18
C SER A 580 20.04 5.72 23.07
N GLY A 581 20.04 5.15 21.85
CA GLY A 581 20.85 4.00 21.55
C GLY A 581 21.90 4.48 20.55
N TYR A 582 23.16 4.58 20.97
CA TYR A 582 24.20 5.30 20.23
C TYR A 582 25.05 4.30 19.46
N SER A 583 25.05 4.40 18.12
CA SER A 583 25.77 3.45 17.27
C SER A 583 27.27 3.79 17.15
N GLU A 584 28.16 2.81 17.48
CA GLU A 584 29.58 3.06 17.32
C GLU A 584 29.97 3.09 15.85
N ILE A 585 29.27 2.36 14.99
CA ILE A 585 29.61 2.35 13.57
C ILE A 585 29.24 3.67 12.91
N PHE A 586 28.01 4.21 13.17
CA PHE A 586 27.53 5.43 12.52
C PHE A 586 27.92 6.70 13.26
N LEU A 587 28.41 6.60 14.48
CA LEU A 587 28.83 7.76 15.27
C LEU A 587 27.64 8.66 15.61
N MET A 588 26.44 8.11 15.75
CA MET A 588 25.25 8.88 16.12
C MET A 588 24.17 7.91 16.62
N PRO A 589 23.06 8.42 17.19
CA PRO A 589 22.03 7.49 17.68
C PRO A 589 21.35 6.75 16.52
N LEU A 590 21.04 5.49 16.77
CA LEU A 590 20.03 4.79 15.95
C LEU A 590 18.59 5.25 16.27
N TRP A 591 18.36 5.67 17.52
CA TRP A 591 17.06 6.09 18.01
C TRP A 591 17.29 6.96 19.23
N THR A 592 16.36 7.85 19.47
CA THR A 592 16.40 8.71 20.63
C THR A 592 14.95 8.83 21.09
N SER A 593 14.67 8.61 22.36
CA SER A 593 13.29 8.51 22.85
C SER A 593 13.07 9.49 23.99
N TYR A 594 11.94 10.22 23.95
CA TYR A 594 11.63 11.14 25.04
C TYR A 594 10.12 11.34 25.09
N THR A 595 9.62 11.70 26.26
CA THR A 595 8.20 11.93 26.46
C THR A 595 7.98 13.40 26.80
N ILE A 596 7.00 14.03 26.15
CA ILE A 596 6.71 15.47 26.35
C ILE A 596 5.29 15.52 26.90
N SER A 597 5.12 16.02 28.12
CA SER A 597 3.78 16.01 28.69
C SER A 597 2.93 17.18 28.16
N LYS A 598 1.61 17.08 28.39
CA LYS A 598 0.68 18.06 27.85
C LYS A 598 1.01 19.47 28.33
N GLN A 599 1.52 19.59 29.56
CA GLN A 599 1.86 20.89 30.16
C GLN A 599 3.32 21.30 29.97
N ALA A 600 4.11 20.58 29.16
CA ALA A 600 5.54 20.89 29.02
C ALA A 600 5.77 22.30 28.51
N GLU A 601 6.90 22.89 28.88
CA GLU A 601 7.24 24.25 28.49
C GLU A 601 8.28 24.24 27.38
N VAL A 602 8.06 25.06 26.36
CA VAL A 602 9.05 25.27 25.31
C VAL A 602 9.91 26.44 25.72
N SER A 603 11.24 26.32 25.65
CA SER A 603 12.11 27.47 25.99
C SER A 603 13.10 27.74 24.85
N SER A 604 13.76 28.89 24.90
CA SER A 604 14.75 29.32 23.91
C SER A 604 16.11 28.72 24.17
N ILE A 605 16.94 28.68 23.12
CA ILE A 605 18.36 28.41 23.32
C ILE A 605 19.08 29.72 23.66
N PRO A 606 19.67 29.84 24.85
CA PRO A 606 20.41 31.06 25.19
C PRO A 606 21.47 31.38 24.14
N GLU A 607 21.69 32.69 23.93
CA GLU A 607 22.48 33.11 22.79
C GLU A 607 23.91 32.65 22.94
N HIS A 608 24.40 32.54 24.18
CA HIS A 608 25.74 32.04 24.48
C HIS A 608 25.87 30.53 24.32
N LEU A 609 24.80 29.78 24.00
CA LEU A 609 24.89 28.33 23.77
C LEU A 609 24.54 27.95 22.34
N THR A 610 24.30 28.93 21.46
CA THR A 610 23.89 28.62 20.08
C THR A 610 24.80 27.56 19.44
N ASN A 611 26.11 27.66 19.70
CA ASN A 611 27.08 26.81 19.03
C ASN A 611 27.81 25.92 20.03
N CYS A 612 27.18 25.65 21.16
CA CYS A 612 27.75 24.74 22.15
C CYS A 612 27.69 23.30 21.64
N VAL A 613 28.81 22.60 21.64
CA VAL A 613 28.83 21.14 21.50
C VAL A 613 29.78 20.56 22.56
N ARG A 614 29.34 19.51 23.25
CA ARG A 614 30.05 19.03 24.44
C ARG A 614 30.48 17.58 24.27
N PRO A 615 31.76 17.24 24.50
CA PRO A 615 32.15 15.83 24.57
C PRO A 615 31.32 15.06 25.58
N ASP A 616 31.06 13.77 25.25
CA ASP A 616 30.35 12.84 26.12
C ASP A 616 31.36 11.89 26.78
N VAL A 617 31.56 12.02 28.10
CA VAL A 617 32.63 11.28 28.81
C VAL A 617 32.33 9.78 28.96
N ARG A 618 31.14 9.36 28.53
CA ARG A 618 30.78 7.94 28.52
C ARG A 618 31.24 7.24 27.24
N VAL A 619 31.63 8.00 26.22
CA VAL A 619 31.85 7.52 24.87
C VAL A 619 33.23 7.97 24.42
N SER A 620 34.03 7.04 23.89
CA SER A 620 35.40 7.31 23.49
C SER A 620 35.54 8.44 22.45
N PRO A 621 36.59 9.25 22.55
CA PRO A 621 36.90 10.22 21.46
C PRO A 621 36.89 9.59 20.07
N GLY A 622 37.42 8.37 19.95
CA GLY A 622 37.45 7.69 18.66
C GLY A 622 36.09 7.24 18.17
N PHE A 623 35.07 7.20 19.04
CA PHE A 623 33.72 6.87 18.60
C PHE A 623 32.78 8.09 18.67
N SER A 624 33.34 9.31 18.63
CA SER A 624 32.59 10.57 18.63
C SER A 624 32.73 11.25 17.27
N GLN A 625 31.69 12.00 16.87
CA GLN A 625 31.83 12.96 15.79
C GLN A 625 32.79 14.06 16.21
N ASN A 626 33.15 14.95 15.30
CA ASN A 626 33.98 16.07 15.69
C ASN A 626 33.52 17.34 14.98
N CYS A 627 33.75 18.49 15.64
CA CYS A 627 33.24 19.76 15.11
C CYS A 627 34.04 20.28 13.92
N LEU A 628 35.34 19.97 13.85
CA LEU A 628 36.14 20.40 12.72
C LEU A 628 35.54 19.95 11.38
N ALA A 629 35.13 18.68 11.29
CA ALA A 629 34.52 18.19 10.03
C ALA A 629 33.31 19.03 9.62
N TYR A 630 32.50 19.44 10.59
CA TYR A 630 31.34 20.28 10.20
C TYR A 630 31.77 21.67 9.73
N LYS A 631 32.79 22.28 10.34
CA LYS A 631 33.28 23.55 9.81
C LYS A 631 33.83 23.42 8.39
N ASN A 632 34.60 22.35 8.13
CA ASN A 632 35.22 22.18 6.81
C ASN A 632 34.17 21.91 5.74
N ASP A 633 33.08 21.26 6.10
CA ASP A 633 32.08 20.89 5.09
C ASP A 633 31.17 22.10 4.89
N LYS A 634 31.33 22.80 3.79
CA LYS A 634 30.54 24.02 3.60
C LYS A 634 29.11 23.75 3.18
N GLN A 635 28.71 22.49 3.03
CA GLN A 635 27.30 22.26 2.75
C GLN A 635 26.54 21.72 3.93
N MET A 636 27.23 21.14 4.90
CA MET A 636 26.59 20.38 5.97
C MET A 636 26.66 21.15 7.29
N SER A 637 25.54 21.24 7.99
CA SER A 637 25.54 21.71 9.37
C SER A 637 25.17 20.53 10.29
N TYR A 638 24.69 20.82 11.49
CA TYR A 638 24.28 19.74 12.37
C TYR A 638 23.02 20.15 13.13
N GLY A 639 22.22 19.15 13.53
CA GLY A 639 21.10 19.35 14.44
C GLY A 639 21.19 18.37 15.59
N PHE A 640 20.18 18.39 16.44
CA PHE A 640 20.08 17.53 17.62
C PHE A 640 18.82 16.65 17.54
N LEU A 641 18.94 15.37 17.95
CA LEU A 641 17.75 14.49 17.95
C LEU A 641 16.79 14.80 19.11
N PHE A 642 17.30 14.91 20.39
CA PHE A 642 16.49 15.51 21.42
C PHE A 642 16.60 17.03 21.35
N PRO A 643 15.51 17.76 21.21
CA PRO A 643 15.62 19.22 21.01
C PRO A 643 15.95 19.97 22.29
N PRO A 644 16.97 20.83 22.27
CA PRO A 644 17.21 21.72 23.44
C PRO A 644 16.02 22.55 23.85
N TYR A 645 15.14 22.92 22.90
CA TYR A 645 13.91 23.68 23.16
C TYR A 645 12.99 23.06 24.22
N LEU A 646 13.05 21.74 24.41
CA LEU A 646 12.13 21.03 25.29
C LEU A 646 12.82 20.56 26.57
N SER A 647 14.00 21.09 26.88
CA SER A 647 14.68 20.68 28.11
C SER A 647 13.86 21.03 29.36
N SER A 648 14.00 20.21 30.41
CA SER A 648 13.17 20.38 31.60
C SER A 648 13.71 21.42 32.57
N SER A 649 14.96 21.85 32.44
CA SER A 649 15.52 22.90 33.27
C SER A 649 16.73 23.48 32.55
N PRO A 650 17.17 24.71 32.89
CA PRO A 650 18.44 25.20 32.32
C PRO A 650 19.60 24.23 32.50
N GLU A 651 19.71 23.56 33.65
CA GLU A 651 20.80 22.60 33.84
C GLU A 651 20.67 21.40 32.91
N ALA A 652 19.49 20.80 32.86
CA ALA A 652 19.25 19.68 31.94
C ALA A 652 19.48 20.07 30.48
N LYS A 653 19.41 21.34 30.16
CA LYS A 653 19.53 21.69 28.75
C LYS A 653 20.93 21.39 28.22
N TYR A 654 21.95 21.42 29.10
CA TYR A 654 23.30 21.11 28.65
C TYR A 654 23.44 19.68 28.10
N ASP A 655 22.60 18.74 28.53
CA ASP A 655 22.62 17.37 28.00
C ASP A 655 22.29 17.35 26.52
N ALA A 656 21.43 18.29 26.09
CA ALA A 656 20.96 18.32 24.69
C ALA A 656 22.09 18.70 23.75
N PHE A 657 23.13 19.39 24.25
CA PHE A 657 24.29 19.76 23.43
C PHE A 657 25.41 18.72 23.43
N LEU A 658 25.16 17.51 23.93
CA LEU A 658 26.21 16.50 23.88
C LEU A 658 26.50 16.11 22.43
N VAL A 659 27.79 15.86 22.15
CA VAL A 659 28.16 15.39 20.83
C VAL A 659 27.45 14.07 20.44
N THR A 660 26.97 13.29 21.42
CA THR A 660 26.27 12.02 21.14
C THR A 660 24.78 12.20 20.81
N ASN A 661 24.26 13.42 20.88
CA ASN A 661 22.92 13.80 20.48
C ASN A 661 22.89 14.50 19.11
N MET A 662 24.03 14.76 18.50
CA MET A 662 24.13 15.57 17.29
C MET A 662 24.07 14.69 16.03
N VAL A 663 23.54 15.28 14.96
CA VAL A 663 23.40 14.55 13.70
C VAL A 663 23.64 15.52 12.55
N PRO A 664 24.12 15.00 11.42
CA PRO A 664 24.40 15.92 10.28
C PRO A 664 23.09 16.35 9.62
N MET A 665 22.94 17.65 9.38
CA MET A 665 21.77 18.17 8.67
C MET A 665 22.15 19.35 7.77
N TYR A 666 21.62 19.31 6.55
CA TYR A 666 21.70 20.48 5.68
C TYR A 666 20.96 21.66 6.32
N PRO A 667 21.51 22.88 6.20
CA PRO A 667 20.75 24.10 6.58
C PRO A 667 19.30 24.13 6.06
N ALA A 668 19.03 23.77 4.80
CA ALA A 668 17.64 23.81 4.33
C ALA A 668 16.78 22.84 5.13
N PHE A 669 17.35 21.70 5.53
CA PHE A 669 16.59 20.73 6.28
C PHE A 669 16.40 21.19 7.72
N LYS A 670 17.39 21.84 8.30
CA LYS A 670 17.18 22.33 9.68
C LYS A 670 15.99 23.26 9.77
N ARG A 671 15.62 23.98 8.70
CA ARG A 671 14.37 24.76 8.77
C ARG A 671 13.19 23.87 9.10
N VAL A 672 13.09 22.72 8.43
CA VAL A 672 11.99 21.78 8.68
C VAL A 672 12.09 21.20 10.09
N TRP A 673 13.27 20.70 10.42
CA TRP A 673 13.48 19.97 11.67
C TRP A 673 13.27 20.88 12.90
N THR A 674 13.79 22.09 12.83
CA THR A 674 13.57 23.06 13.93
C THR A 674 12.09 23.37 14.15
N TYR A 675 11.33 23.58 13.06
CA TYR A 675 9.90 23.86 13.23
C TYR A 675 9.19 22.66 13.85
N PHE A 676 9.53 21.46 13.39
CA PHE A 676 9.02 20.26 14.02
C PHE A 676 9.33 20.26 15.53
N GLN A 677 10.62 20.47 15.90
CA GLN A 677 11.02 20.32 17.30
C GLN A 677 10.49 21.42 18.20
N ARG A 678 10.49 22.68 17.72
CA ARG A 678 10.17 23.83 18.53
C ARG A 678 8.67 24.09 18.56
N VAL A 679 7.94 23.78 17.48
CA VAL A 679 6.53 24.12 17.36
C VAL A 679 5.65 22.87 17.41
N LEU A 680 5.96 21.88 16.57
CA LEU A 680 4.94 20.83 16.34
C LEU A 680 4.90 19.79 17.48
N VAL A 681 6.05 19.41 18.04
CA VAL A 681 6.05 18.43 19.13
C VAL A 681 5.16 18.91 20.28
N LYS A 682 5.31 20.17 20.66
CA LYS A 682 4.51 20.72 21.77
C LYS A 682 3.04 20.78 21.40
N LYS A 683 2.75 21.14 20.14
CA LYS A 683 1.36 21.16 19.71
C LYS A 683 0.74 19.76 19.82
N TYR A 684 1.45 18.74 19.33
CA TYR A 684 0.93 17.37 19.42
C TYR A 684 0.75 16.95 20.89
N ALA A 685 1.70 17.32 21.73
CA ALA A 685 1.55 17.04 23.16
C ALA A 685 0.29 17.67 23.72
N SER A 686 -0.01 18.93 23.34
CA SER A 686 -1.17 19.57 23.93
C SER A 686 -2.45 18.97 23.36
N GLU A 687 -2.44 18.52 22.13
CA GLU A 687 -3.65 17.96 21.52
C GLU A 687 -3.89 16.49 21.89
N ARG A 688 -2.84 15.72 22.19
CA ARG A 688 -2.98 14.30 22.40
C ARG A 688 -2.81 13.92 23.86
N ASN A 689 -2.68 14.94 24.73
CA ASN A 689 -2.42 14.78 26.17
C ASN A 689 -1.08 14.08 26.40
N GLY A 690 -0.01 14.74 25.98
CA GLY A 690 1.37 14.21 26.01
C GLY A 690 1.66 13.32 24.82
N VAL A 691 2.94 13.26 24.43
CA VAL A 691 3.36 12.32 23.40
C VAL A 691 4.73 11.75 23.78
N ASN A 692 4.96 10.52 23.33
CA ASN A 692 6.29 9.91 23.34
C ASN A 692 6.81 10.00 21.93
N VAL A 693 8.06 10.49 21.77
CA VAL A 693 8.65 10.68 20.44
C VAL A 693 9.87 9.76 20.37
N ILE A 694 10.00 9.02 19.28
CA ILE A 694 11.27 8.34 18.97
C ILE A 694 11.76 8.84 17.60
N SER A 695 12.99 9.38 17.52
CA SER A 695 13.48 9.98 16.31
C SER A 695 14.83 9.36 15.96
N GLY A 696 15.19 9.43 14.69
CA GLY A 696 16.48 8.91 14.28
C GLY A 696 16.81 9.06 12.81
N PRO A 697 18.01 8.61 12.44
CA PRO A 697 18.46 8.67 11.05
C PRO A 697 18.06 7.42 10.27
N ILE A 698 18.00 7.60 8.94
CA ILE A 698 17.79 6.51 8.02
C ILE A 698 18.82 6.64 6.90
N PHE A 699 19.40 5.51 6.48
CA PHE A 699 20.31 5.46 5.34
C PHE A 699 19.70 4.53 4.29
N ASP A 700 19.33 5.09 3.14
CA ASP A 700 18.79 4.23 2.06
C ASP A 700 19.23 4.81 0.72
N TYR A 701 20.56 4.78 0.49
CA TYR A 701 21.14 5.37 -0.71
C TYR A 701 20.75 4.61 -1.98
N ASN A 702 20.42 3.32 -1.87
CA ASN A 702 20.01 2.59 -3.06
C ASN A 702 18.49 2.48 -3.14
N TYR A 703 17.76 3.31 -2.35
CA TYR A 703 16.31 3.45 -2.44
C TYR A 703 15.60 2.12 -2.56
N ASN A 704 15.99 1.09 -1.79
CA ASN A 704 15.23 -0.16 -1.84
C ASN A 704 14.33 -0.30 -0.63
N GLY A 705 14.22 0.74 0.22
CA GLY A 705 13.32 0.63 1.33
C GLY A 705 13.88 -0.17 2.49
N LEU A 706 15.14 -0.61 2.43
CA LEU A 706 15.79 -1.43 3.44
C LEU A 706 17.04 -0.73 3.95
N ARG A 707 17.24 -0.80 5.26
CA ARG A 707 18.43 -0.29 5.93
C ARG A 707 19.67 -0.57 5.08
N ASP A 708 20.49 0.42 4.84
CA ASP A 708 21.49 -0.11 3.93
C ASP A 708 22.77 -0.58 4.70
N ILE A 709 23.59 -1.33 3.98
CA ILE A 709 24.51 -2.33 4.51
C ILE A 709 25.81 -2.31 3.71
N GLU A 710 26.91 -2.71 4.33
CA GLU A 710 28.17 -3.06 3.65
C GLU A 710 28.57 -2.09 2.53
N ASP A 711 28.87 -0.84 2.88
CA ASP A 711 29.40 0.11 1.88
C ASP A 711 28.37 0.66 0.90
N GLU A 712 27.06 0.54 1.18
CA GLU A 712 26.06 1.21 0.35
C GLU A 712 25.92 2.71 0.66
N ILE A 713 26.45 3.20 1.77
CA ILE A 713 26.34 4.61 2.10
C ILE A 713 27.32 5.41 1.26
N LYS A 714 26.82 6.45 0.57
CA LYS A 714 27.63 7.09 -0.45
C LYS A 714 28.06 8.50 -0.10
N GLN A 715 27.61 9.06 1.04
CA GLN A 715 28.03 10.41 1.39
C GLN A 715 28.43 10.47 2.87
N TYR A 716 29.52 11.19 3.17
CA TYR A 716 30.03 11.44 4.51
C TYR A 716 30.29 12.94 4.69
N VAL A 717 30.21 13.42 5.94
CA VAL A 717 30.64 14.78 6.22
C VAL A 717 32.11 14.93 5.83
N GLU A 718 32.41 16.06 5.19
CA GLU A 718 33.72 16.26 4.55
C GLU A 718 34.90 15.83 5.42
N GLY A 719 35.78 14.98 4.87
CA GLY A 719 37.00 14.58 5.55
C GLY A 719 36.84 13.64 6.72
N SER A 720 35.66 13.01 6.90
CA SER A 720 35.32 12.30 8.13
C SER A 720 34.72 10.95 7.78
N SER A 721 34.46 10.12 8.79
CA SER A 721 33.64 8.94 8.52
C SER A 721 32.26 9.05 9.17
N ILE A 722 31.75 10.26 9.29
CA ILE A 722 30.37 10.48 9.75
C ILE A 722 29.45 10.32 8.54
N PRO A 723 28.62 9.27 8.49
CA PRO A 723 27.73 9.06 7.33
C PRO A 723 26.58 10.09 7.31
N VAL A 724 26.09 10.43 6.12
CA VAL A 724 25.00 11.41 5.98
C VAL A 724 23.68 10.68 5.76
N PRO A 725 22.67 10.87 6.61
CA PRO A 725 21.41 10.15 6.42
C PRO A 725 20.72 10.63 5.15
N THR A 726 19.92 9.73 4.54
CA THR A 726 19.07 10.16 3.44
C THR A 726 17.70 10.63 3.91
N HIS A 727 17.28 10.25 5.13
CA HIS A 727 16.00 10.61 5.71
C HIS A 727 16.17 10.71 7.23
N TYR A 728 15.23 11.37 7.87
CA TYR A 728 15.08 11.33 9.33
C TYR A 728 13.64 10.91 9.65
N TYR A 729 13.48 10.03 10.64
CA TYR A 729 12.15 9.58 11.03
C TYR A 729 11.79 10.10 12.41
N SER A 730 10.49 10.14 12.68
CA SER A 730 9.96 10.27 14.04
C SER A 730 8.68 9.44 14.16
N ILE A 731 8.51 8.81 15.30
CA ILE A 731 7.35 8.00 15.63
C ILE A 731 6.72 8.68 16.83
N ILE A 732 5.44 9.06 16.73
CA ILE A 732 4.83 9.86 17.78
C ILE A 732 3.65 9.09 18.36
N THR A 733 3.77 8.64 19.62
CA THR A 733 2.78 7.74 20.19
C THR A 733 2.07 8.39 21.38
N SER A 734 0.79 8.09 21.55
CA SER A 734 0.06 8.50 22.77
C SER A 734 -1.07 7.52 23.02
N CYS A 735 -2.00 7.90 23.92
CA CYS A 735 -3.05 6.99 24.32
C CYS A 735 -4.23 7.22 23.37
N LEU A 736 -4.82 6.13 22.87
CA LEU A 736 -6.03 6.29 22.07
C LEU A 736 -7.14 7.01 22.85
N ASP A 737 -7.34 6.64 24.10
CA ASP A 737 -8.15 7.42 25.05
C ASP A 737 -7.30 8.58 25.52
N PHE A 738 -7.50 9.77 24.91
CA PHE A 738 -6.67 10.93 25.24
C PHE A 738 -7.04 11.59 26.56
N THR A 739 -8.04 11.09 27.29
CA THR A 739 -8.19 11.56 28.66
C THR A 739 -7.12 10.97 29.57
N GLN A 740 -6.32 9.99 29.08
CA GLN A 740 -5.18 9.50 29.83
C GLN A 740 -3.87 10.05 29.26
N PRO A 741 -2.96 10.46 30.12
CA PRO A 741 -1.69 11.00 29.62
C PRO A 741 -0.85 9.88 28.98
N ALA A 742 -0.05 10.27 27.95
CA ALA A 742 0.75 9.28 27.21
C ALA A 742 1.60 8.41 28.13
N ASP A 743 2.07 8.94 29.26
CA ASP A 743 2.94 8.12 30.12
C ASP A 743 2.18 7.25 31.11
N LYS A 744 0.85 7.26 31.11
CA LYS A 744 0.06 6.47 32.05
C LYS A 744 -1.13 5.88 31.32
N CYS A 745 -0.88 5.19 30.24
CA CYS A 745 -1.92 4.76 29.31
C CYS A 745 -2.26 3.29 29.55
N ASP A 746 -3.53 3.01 29.84
CA ASP A 746 -4.01 1.65 30.11
C ASP A 746 -4.39 0.85 28.85
N GLY A 747 -4.88 1.47 27.79
CA GLY A 747 -5.45 0.68 26.73
C GLY A 747 -4.67 0.76 25.44
N PRO A 748 -5.39 0.72 24.34
CA PRO A 748 -4.76 0.83 23.02
C PRO A 748 -4.07 2.18 22.81
N LEU A 749 -3.06 2.16 21.97
CA LEU A 749 -2.18 3.28 21.65
C LEU A 749 -2.67 3.97 20.37
N SER A 750 -2.19 5.18 20.17
CA SER A 750 -2.43 5.96 18.98
C SER A 750 -1.06 6.37 18.42
N VAL A 751 -0.84 6.28 17.09
CA VAL A 751 0.48 6.58 16.54
C VAL A 751 0.37 7.41 15.26
N SER A 752 1.33 8.31 15.06
CA SER A 752 1.60 8.85 13.72
C SER A 752 3.10 8.95 13.54
N SER A 753 3.54 8.84 12.29
CA SER A 753 4.98 8.86 12.07
C SER A 753 5.30 9.49 10.74
N PHE A 754 6.58 9.84 10.56
N PHE A 754 6.58 9.82 10.54
CA PHE A 754 7.05 10.51 9.34
CA PHE A 754 6.96 10.29 9.23
C PHE A 754 8.41 9.92 8.94
C PHE A 754 8.39 9.87 8.91
N ILE A 755 8.69 9.93 7.63
CA ILE A 755 10.05 9.71 7.12
C ILE A 755 10.37 10.92 6.23
N LEU A 756 11.12 11.86 6.76
CA LEU A 756 11.36 13.13 6.05
C LEU A 756 12.61 13.04 5.19
N PRO A 757 12.54 13.37 3.90
CA PRO A 757 13.78 13.32 3.09
C PRO A 757 14.77 14.42 3.53
N HIS A 758 16.02 14.01 3.70
CA HIS A 758 17.10 14.92 4.10
C HIS A 758 17.69 15.57 2.85
N ARG A 759 17.10 16.69 2.41
CA ARG A 759 17.52 17.24 1.13
CA ARG A 759 17.51 17.24 1.13
CA ARG A 759 17.46 17.28 1.12
C ARG A 759 18.25 18.56 1.32
N PRO A 760 19.18 18.90 0.42
CA PRO A 760 19.96 20.15 0.59
C PRO A 760 19.18 21.39 0.21
N ASP A 761 17.97 21.28 -0.33
CA ASP A 761 17.17 22.45 -0.68
C ASP A 761 15.71 22.12 -0.36
N ASN A 762 14.85 23.12 -0.39
CA ASN A 762 13.42 22.91 -0.17
C ASN A 762 12.68 23.12 -1.49
N ASP A 763 13.30 22.71 -2.60
CA ASP A 763 12.65 22.84 -3.90
C ASP A 763 11.31 22.12 -3.95
N GLU A 764 11.14 21.08 -3.12
CA GLU A 764 9.88 20.36 -3.10
C GLU A 764 8.72 21.25 -2.62
N SER A 765 9.01 22.27 -1.80
CA SER A 765 7.94 23.11 -1.24
C SER A 765 7.97 24.45 -1.95
N CYS A 766 6.98 24.68 -2.85
CA CYS A 766 7.05 25.88 -3.66
C CYS A 766 6.94 27.17 -2.87
N ASN A 767 6.48 27.18 -1.63
CA ASN A 767 6.58 28.51 -0.99
C ASN A 767 7.45 28.46 0.24
N SER A 768 8.53 27.69 0.13
CA SER A 768 9.44 27.59 1.28
C SER A 768 10.21 28.89 1.52
N SER A 769 10.19 29.85 0.59
CA SER A 769 10.82 31.12 0.95
C SER A 769 10.02 31.89 2.00
N GLU A 770 8.83 31.44 2.33
CA GLU A 770 8.02 32.10 3.34
C GLU A 770 8.32 31.50 4.72
N ASP A 771 7.62 32.02 5.73
CA ASP A 771 7.74 31.49 7.09
C ASP A 771 7.33 30.02 7.12
N GLU A 772 8.03 29.25 7.96
CA GLU A 772 7.73 27.82 8.10
C GLU A 772 6.26 27.53 8.40
N SER A 773 5.55 28.49 9.00
CA SER A 773 4.16 28.23 9.30
C SER A 773 3.33 27.98 8.03
N LYS A 774 3.87 28.32 6.87
CA LYS A 774 3.12 28.26 5.62
C LYS A 774 3.45 27.04 4.78
N TRP A 775 4.37 26.17 5.20
CA TRP A 775 4.75 25.06 4.30
C TRP A 775 5.31 23.83 5.01
N VAL A 776 5.91 23.97 6.20
CA VAL A 776 6.57 22.79 6.79
C VAL A 776 5.57 21.71 7.13
N GLU A 777 4.43 22.07 7.74
CA GLU A 777 3.51 21.00 8.17
C GLU A 777 2.95 20.25 6.96
N GLU A 778 2.63 20.96 5.89
N GLU A 778 2.63 20.95 5.88
CA GLU A 778 2.14 20.34 4.66
CA GLU A 778 2.12 20.26 4.69
C GLU A 778 3.15 19.34 4.10
C GLU A 778 3.15 19.31 4.10
N LEU A 779 4.44 19.69 4.12
CA LEU A 779 5.50 18.79 3.68
C LEU A 779 5.52 17.52 4.52
N MET A 780 5.47 17.67 5.82
CA MET A 780 5.46 16.51 6.71
C MET A 780 4.30 15.59 6.44
N LYS A 781 3.11 16.14 6.19
CA LYS A 781 1.96 15.28 5.94
C LYS A 781 2.16 14.47 4.66
N MET A 782 2.82 15.05 3.65
CA MET A 782 3.12 14.32 2.42
C MET A 782 4.02 13.10 2.68
N HIS A 783 4.89 13.17 3.68
CA HIS A 783 5.85 12.12 4.03
C HIS A 783 5.47 11.34 5.27
N THR A 784 4.16 11.32 5.60
CA THR A 784 3.65 10.44 6.65
C THR A 784 4.06 8.99 6.32
N ALA A 785 4.22 8.14 7.35
CA ALA A 785 4.70 6.78 7.09
C ALA A 785 4.12 5.81 8.14
N ARG A 786 4.29 4.49 7.91
CA ARG A 786 3.92 3.46 8.89
C ARG A 786 5.12 3.20 9.78
N VAL A 787 4.87 2.77 11.02
CA VAL A 787 6.01 2.35 11.83
C VAL A 787 6.75 1.22 11.13
N ARG A 788 5.98 0.32 10.51
CA ARG A 788 6.59 -0.77 9.76
C ARG A 788 7.57 -0.26 8.71
N ASP A 789 7.26 0.86 8.01
CA ASP A 789 8.16 1.36 6.97
C ASP A 789 9.52 1.73 7.59
N ILE A 790 9.46 2.32 8.78
CA ILE A 790 10.67 2.72 9.49
C ILE A 790 11.46 1.50 9.98
N GLU A 791 10.78 0.39 10.39
CA GLU A 791 11.51 -0.81 10.81
C GLU A 791 12.34 -1.39 9.66
N HIS A 792 11.71 -1.56 8.47
CA HIS A 792 12.46 -1.98 7.25
C HIS A 792 13.73 -1.14 7.03
N LEU A 793 13.61 0.20 7.17
CA LEU A 793 14.69 1.15 6.83
C LEU A 793 15.78 1.23 7.90
N THR A 794 15.50 0.79 9.12
CA THR A 794 16.44 0.90 10.24
C THR A 794 16.88 -0.44 10.81
N GLY A 795 16.13 -1.51 10.59
CA GLY A 795 16.48 -2.78 11.25
C GLY A 795 16.15 -2.80 12.74
N LEU A 796 15.31 -1.87 13.20
CA LEU A 796 14.83 -1.81 14.58
C LEU A 796 13.44 -2.42 14.66
N ASP A 797 13.06 -2.88 15.85
CA ASP A 797 11.72 -3.45 16.09
C ASP A 797 11.16 -2.73 17.32
N PHE A 798 10.08 -1.99 17.14
CA PHE A 798 9.47 -1.17 18.20
C PHE A 798 8.33 -1.88 18.95
N TYR A 799 7.89 -1.24 20.04
CA TYR A 799 6.71 -1.67 20.83
C TYR A 799 6.87 -3.10 21.34
N ARG A 800 8.07 -3.41 21.82
CA ARG A 800 8.27 -4.77 22.31
C ARG A 800 7.72 -5.02 23.71
N LYS A 801 7.53 -4.00 24.55
CA LYS A 801 6.99 -4.20 25.92
C LYS A 801 5.76 -3.30 26.06
N THR A 802 4.58 -3.81 25.74
CA THR A 802 3.33 -3.12 26.02
C THR A 802 2.40 -4.11 26.73
N SER A 803 1.26 -3.63 27.19
CA SER A 803 0.27 -4.54 27.75
C SER A 803 -0.75 -5.01 26.72
N ARG A 804 -0.46 -4.87 25.43
CA ARG A 804 -1.46 -5.19 24.40
C ARG A 804 -1.17 -6.54 23.76
N SER A 805 -2.18 -7.15 23.12
CA SER A 805 -1.81 -8.38 22.43
C SER A 805 -0.86 -8.05 21.27
N TYR A 806 -0.09 -9.05 20.84
CA TYR A 806 0.88 -8.75 19.79
C TYR A 806 0.21 -8.48 18.43
N SER A 807 -0.82 -9.24 18.07
N SER A 807 -0.83 -9.24 18.07
CA SER A 807 -1.52 -8.95 16.82
CA SER A 807 -1.50 -8.92 16.80
C SER A 807 -2.07 -7.51 16.81
C SER A 807 -2.07 -7.50 16.81
N GLU A 808 -2.49 -6.98 17.97
CA GLU A 808 -2.92 -5.58 18.00
C GLU A 808 -1.75 -4.63 17.72
N ILE A 809 -0.55 -4.96 18.22
CA ILE A 809 0.61 -4.12 17.97
C ILE A 809 1.00 -4.18 16.48
N LEU A 810 0.85 -5.34 15.84
CA LEU A 810 1.13 -5.42 14.40
C LEU A 810 0.18 -4.55 13.58
N THR A 811 -1.11 -4.54 13.93
CA THR A 811 -2.05 -3.59 13.33
C THR A 811 -1.61 -2.13 13.55
N LEU A 812 -1.28 -1.76 14.79
CA LEU A 812 -0.76 -0.42 15.07
C LEU A 812 0.46 -0.07 14.18
N LYS A 813 1.36 -1.04 13.97
CA LYS A 813 2.57 -0.74 13.17
C LYS A 813 2.27 -0.61 11.69
N THR A 814 1.16 -1.15 11.22
CA THR A 814 0.84 -0.95 9.81
C THR A 814 -0.05 0.27 9.57
N TYR A 815 -0.53 0.91 10.62
CA TYR A 815 -1.34 2.12 10.51
C TYR A 815 -0.58 3.25 9.79
N LEU A 816 -1.28 3.97 8.91
CA LEU A 816 -0.76 5.15 8.23
C LEU A 816 -1.70 6.31 8.56
N HIS A 817 -1.18 7.36 9.19
CA HIS A 817 -2.02 8.54 9.40
C HIS A 817 -2.11 9.33 8.08
N THR A 818 -3.27 9.35 7.44
CA THR A 818 -3.25 9.91 6.08
C THR A 818 -3.57 11.40 6.00
N TYR A 819 -4.20 12.01 7.02
CA TYR A 819 -4.58 13.44 7.02
C TYR A 819 -5.74 13.74 6.07
N GLU A 820 -6.46 12.71 5.65
CA GLU A 820 -7.63 12.88 4.81
C GLU A 820 -8.89 12.86 5.68
N SER A 821 -9.85 13.69 5.30
CA SER A 821 -11.17 13.63 5.93
C SER A 821 -11.75 12.21 5.81
N GLU A 822 -12.69 11.91 6.72
CA GLU A 822 -13.34 10.60 6.72
C GLU A 822 -14.20 10.46 5.48
N ILE A 823 -14.24 9.24 4.94
CA ILE A 823 -15.02 8.95 3.74
C ILE A 823 -16.48 8.73 4.12
#